data_8WVG
#
_entry.id   8WVG
#
_cell.length_a   1.00
_cell.length_b   1.00
_cell.length_c   1.00
_cell.angle_alpha   90.00
_cell.angle_beta   90.00
_cell.angle_gamma   90.00
#
_symmetry.space_group_name_H-M   'P 1'
#
loop_
_entity.id
_entity.type
_entity.pdbx_description
1 polymer FabH
2 polymer FabL
3 polymer 'Synaptic vesicular amine transporter'
4 non-polymer (3~{S},11~{b}~{R})-9,10-dimethoxy-3-(2-methylpropyl)-1,3,4,6,7,11~{b}-hexahydrobenzo[a]quinolizin-2-one
5 water water
#
loop_
_entity_poly.entity_id
_entity_poly.type
_entity_poly.pdbx_seq_one_letter_code
_entity_poly.pdbx_strand_id
1 'polypeptide(L)'
;GGSSRSSLEVKLQESGAELVKPGASVKLSCKASGYTFTSYWIDWVKQRPGQGLEWIGNIYPGNSSTNYNEKFKNKATLTV
DTSSSTAYMQLSSLTSDDSAVYYCAREDYYDGTYVYYAMDFWGQGTSVTVSSAKTTAPSVYPLAPVCGDTSGSSVTLGCL
VKGYFPEPVTLTWNSGSLSSGVHTFPAVLQSDLYTLSSSVTVTSSTWPSQSITCNVAHPASSTKVDKKIEPRGPTIKPCP
PCKCPAPNLLGGPSVFIFPPKIKDVLMISLSPIVTCVVVDVSEDDPDVQISWFVNNVEVHTAQTQTHREDYNSTLRVVSA
LPIQHQDWMSGKEFKC
;
H
2 'polypeptide(L)'
;AQAAELDIVMTQSQKFMSTSVGDRVSITCKASQNVGTDVSWYQQKPGKSPKPLIYWASNRFTGVPDRFTGSRSGTDFTLT
ISNVQSEDLADYFCEQYSSYPLTFGAGTKLELKRADAAPTVSIFPPSSEQLTSGGASVVCFLNNFYPKDINVKWKIDGSE
RQNGVLNSWTDQDSKDSTYSMSSTLTLTKDEYERHNSYTCEATHKTSTSPIVKSFNRNEC
;
L
3 'polypeptide(L)'
;MALSELALVRWLQESRRSRKLILFIVFLALLLDNMLLTVVVPIIPSYLYSIKHEKNATEIQTARPVHTASISDSFQSIFS
YYDNSTMVTGNATRDLTLHQTATQHMVTNASAVPSDCPSEDKDLLNENVQVGLLFASKATVQLITNPFIGLLTNRIGYPI
PIFAGFCIMFVSTIMFAFSSSYAFLLIARSLQGIGSSCSSVAGMGMLASVYTDDEERGNVMGIALGGLAMGVLVGPPFGS
VLYEFVGKTAPFLVLAALVLLDGAIQLFVLQPSRVQPESQKGTPLTTLLKDPYILIAAGSICFANMGIAMLEPALPIWMM
ETMCSRKWQLGVAFLPASISYLIGTNIFGILAHKMGRWLCALLGMIIVGVSILCIPFAKNIYGLIAPNFGVGFAIGMVDS
SMMPIMGYLVDLRHVSVYGSVYAIADVAFCMGYAIGPSAGGAIAKAIGFPWLMTIIGIIDILFAPLCFFLRSPPAKEEKM
AILMDHNCPIKTKMYTQNNIQSYPIGEDEESESD
;
A
#
loop_
_chem_comp.id
_chem_comp.type
_chem_comp.name
_chem_comp.formula
XEQ non-polymer (3~{S},11~{b}~{R})-9,10-dimethoxy-3-(2-methylpropyl)-1,3,4,6,7,11~{b}-hexahydrobenzo[a]quinolizin-2-one 'C19 H27 N O3'
#
# COMPACT_ATOMS: atom_id res chain seq x y z
N GLU A 9 -24.24 2.99 6.06
CA GLU A 9 -23.08 2.21 5.69
C GLU A 9 -22.80 2.34 4.20
N VAL A 10 -21.52 2.29 3.83
CA VAL A 10 -21.14 2.43 2.43
C VAL A 10 -21.64 1.24 1.64
N LYS A 11 -22.18 1.51 0.44
CA LYS A 11 -22.70 0.46 -0.42
C LYS A 11 -22.59 0.90 -1.87
N LEU A 12 -22.10 -0.01 -2.71
CA LEU A 12 -21.99 0.22 -4.15
C LEU A 12 -22.79 -0.87 -4.84
N GLN A 13 -24.09 -0.65 -5.01
CA GLN A 13 -24.95 -1.65 -5.64
C GLN A 13 -24.68 -1.72 -7.13
N GLU A 14 -24.73 -2.93 -7.67
CA GLU A 14 -24.39 -3.14 -9.07
C GLU A 14 -25.34 -4.15 -9.69
N SER A 15 -25.49 -4.06 -11.01
CA SER A 15 -26.39 -4.95 -11.74
C SER A 15 -25.88 -6.39 -11.71
N GLY A 16 -26.83 -7.33 -11.71
CA GLY A 16 -26.46 -8.73 -11.62
C GLY A 16 -25.75 -9.25 -12.85
N ALA A 17 -26.30 -8.97 -14.03
CA ALA A 17 -25.73 -9.49 -15.27
C ALA A 17 -26.28 -8.70 -16.44
N GLU A 18 -25.46 -8.56 -17.49
CA GLU A 18 -25.84 -7.86 -18.70
C GLU A 18 -25.59 -8.76 -19.90
N LEU A 19 -26.53 -8.75 -20.85
CA LEU A 19 -26.43 -9.53 -22.07
C LEU A 19 -26.43 -8.58 -23.26
N VAL A 20 -25.41 -8.70 -24.11
CA VAL A 20 -25.23 -7.79 -25.23
C VAL A 20 -25.05 -8.59 -26.52
N LYS A 21 -25.26 -7.92 -27.63
CA LYS A 21 -25.08 -8.49 -28.96
C LYS A 21 -23.65 -8.29 -29.42
N PRO A 22 -23.19 -9.08 -30.40
CA PRO A 22 -21.79 -8.95 -30.84
C PRO A 22 -21.45 -7.59 -31.43
N GLY A 23 -22.43 -6.78 -31.81
CA GLY A 23 -22.16 -5.38 -32.05
C GLY A 23 -23.14 -4.52 -31.28
N ALA A 24 -22.66 -3.81 -30.26
CA ALA A 24 -23.53 -3.08 -29.35
C ALA A 24 -22.66 -2.35 -28.34
N SER A 25 -23.31 -1.53 -27.51
CA SER A 25 -22.67 -0.83 -26.41
C SER A 25 -23.50 -1.04 -25.16
N VAL A 26 -22.83 -1.14 -24.01
CA VAL A 26 -23.50 -1.42 -22.75
C VAL A 26 -23.09 -0.38 -21.72
N LYS A 27 -24.04 0.06 -20.90
CA LYS A 27 -23.82 1.09 -19.90
C LYS A 27 -23.93 0.48 -18.52
N LEU A 28 -22.82 -0.03 -18.00
CA LEU A 28 -22.82 -0.56 -16.64
C LEU A 28 -23.00 0.56 -15.65
N SER A 29 -23.71 0.27 -14.56
CA SER A 29 -23.98 1.27 -13.54
C SER A 29 -23.56 0.73 -12.17
N CYS A 30 -23.16 1.64 -11.30
CA CYS A 30 -22.76 1.33 -9.93
C CYS A 30 -23.32 2.43 -9.05
N LYS A 31 -24.38 2.13 -8.30
CA LYS A 31 -25.06 3.13 -7.51
C LYS A 31 -24.44 3.20 -6.12
N ALA A 32 -23.92 4.38 -5.77
CA ALA A 32 -23.22 4.58 -4.51
C ALA A 32 -24.17 5.22 -3.50
N SER A 33 -24.18 4.69 -2.28
CA SER A 33 -24.99 5.26 -1.22
C SER A 33 -24.34 4.99 0.12
N GLY A 34 -24.70 5.79 1.11
CA GLY A 34 -24.19 5.65 2.46
C GLY A 34 -23.09 6.62 2.82
N TYR A 35 -22.73 7.54 1.92
CA TYR A 35 -21.68 8.50 2.18
C TYR A 35 -21.84 9.65 1.18
N THR A 36 -21.11 10.74 1.42
CA THR A 36 -21.14 11.85 0.47
C THR A 36 -20.50 11.39 -0.84
N PHE A 37 -21.31 11.33 -1.90
CA PHE A 37 -20.88 10.67 -3.12
C PHE A 37 -19.78 11.45 -3.82
N THR A 38 -19.87 12.78 -3.80
CA THR A 38 -19.06 13.64 -4.66
C THR A 38 -17.71 13.98 -4.05
N SER A 39 -17.16 13.11 -3.19
CA SER A 39 -15.88 13.40 -2.58
C SER A 39 -14.91 12.21 -2.57
N TYR A 40 -15.23 11.12 -3.27
CA TYR A 40 -14.35 9.95 -3.32
C TYR A 40 -14.24 9.46 -4.76
N TRP A 41 -13.06 9.00 -5.14
CA TRP A 41 -12.84 8.46 -6.47
C TRP A 41 -13.44 7.06 -6.60
N ILE A 42 -13.95 6.75 -7.79
CA ILE A 42 -14.55 5.46 -8.08
C ILE A 42 -13.73 4.81 -9.20
N ASP A 43 -13.22 3.62 -8.93
CA ASP A 43 -12.44 2.87 -9.89
C ASP A 43 -13.26 1.76 -10.51
N TRP A 44 -12.89 1.38 -11.73
CA TRP A 44 -13.52 0.27 -12.44
C TRP A 44 -12.44 -0.75 -12.81
N VAL A 45 -12.72 -2.02 -12.54
CA VAL A 45 -11.77 -3.10 -12.79
C VAL A 45 -12.48 -4.20 -13.55
N LYS A 46 -11.73 -4.96 -14.35
CA LYS A 46 -12.29 -6.01 -15.19
C LYS A 46 -11.55 -7.31 -14.92
N GLN A 47 -12.29 -8.39 -14.71
CA GLN A 47 -11.70 -9.69 -14.42
C GLN A 47 -12.27 -10.72 -15.38
N ARG A 48 -11.46 -11.15 -16.34
CA ARG A 48 -11.86 -12.25 -17.20
C ARG A 48 -11.84 -13.55 -16.41
N PRO A 49 -12.68 -14.52 -16.79
CA PRO A 49 -12.67 -15.80 -16.07
C PRO A 49 -11.36 -16.55 -16.23
N GLY A 50 -10.61 -16.66 -15.13
CA GLY A 50 -9.36 -17.39 -15.14
C GLY A 50 -8.12 -16.57 -15.41
N GLN A 51 -8.20 -15.24 -15.34
CA GLN A 51 -7.06 -14.38 -15.58
C GLN A 51 -7.03 -13.29 -14.53
N GLY A 52 -6.04 -12.40 -14.65
CA GLY A 52 -5.84 -11.36 -13.67
C GLY A 52 -6.79 -10.19 -13.84
N LEU A 53 -6.80 -9.33 -12.82
CA LEU A 53 -7.63 -8.14 -12.85
C LEU A 53 -6.91 -7.04 -13.64
N GLU A 54 -7.69 -6.28 -14.41
CA GLU A 54 -7.15 -5.20 -15.23
C GLU A 54 -7.90 -3.91 -14.89
N TRP A 55 -7.13 -2.89 -14.50
CA TRP A 55 -7.69 -1.57 -14.24
C TRP A 55 -8.26 -0.98 -15.51
N ILE A 56 -9.34 -0.22 -15.39
CA ILE A 56 -9.99 0.43 -16.52
C ILE A 56 -9.87 1.95 -16.44
N GLY A 57 -10.26 2.53 -15.32
CA GLY A 57 -10.16 3.97 -15.18
C GLY A 57 -10.69 4.45 -13.85
N ASN A 58 -10.46 5.74 -13.60
CA ASN A 58 -10.92 6.48 -12.44
C ASN A 58 -11.85 7.60 -12.88
N ILE A 59 -12.76 7.98 -12.01
CA ILE A 59 -13.53 9.20 -12.17
C ILE A 59 -13.63 9.87 -10.81
N TYR A 60 -13.54 11.20 -10.78
CA TYR A 60 -13.85 11.94 -9.58
C TYR A 60 -15.22 12.55 -9.74
N PRO A 61 -16.23 12.11 -8.99
CA PRO A 61 -17.60 12.59 -9.24
C PRO A 61 -17.78 14.09 -9.05
N GLY A 62 -17.02 14.71 -8.16
CA GLY A 62 -17.17 16.15 -7.97
C GLY A 62 -16.79 16.96 -9.20
N ASN A 63 -15.65 16.64 -9.80
CA ASN A 63 -15.13 17.38 -10.95
C ASN A 63 -15.40 16.69 -12.28
N SER A 64 -15.78 15.42 -12.26
CA SER A 64 -15.89 14.61 -13.48
C SER A 64 -14.55 14.57 -14.23
N SER A 65 -13.46 14.52 -13.48
CA SER A 65 -12.13 14.36 -14.04
C SER A 65 -11.77 12.88 -13.99
N THR A 66 -11.41 12.32 -15.14
CA THR A 66 -11.26 10.89 -15.29
C THR A 66 -9.85 10.54 -15.73
N ASN A 67 -9.46 9.30 -15.45
CA ASN A 67 -8.23 8.71 -15.95
C ASN A 67 -8.55 7.36 -16.58
N TYR A 68 -7.81 7.02 -17.63
CA TYR A 68 -8.05 5.76 -18.34
C TYR A 68 -6.74 4.99 -18.49
N ASN A 69 -6.87 3.67 -18.50
CA ASN A 69 -5.78 2.83 -18.96
C ASN A 69 -5.57 3.06 -20.45
N GLU A 70 -4.31 3.10 -20.88
CA GLU A 70 -4.03 3.29 -22.30
C GLU A 70 -4.62 2.17 -23.14
N LYS A 71 -4.72 0.96 -22.57
CA LYS A 71 -5.32 -0.16 -23.28
C LYS A 71 -6.81 0.04 -23.49
N PHE A 72 -7.47 0.79 -22.61
CA PHE A 72 -8.92 0.95 -22.62
C PHE A 72 -9.37 2.35 -23.00
N LYS A 73 -8.50 3.13 -23.66
CA LYS A 73 -8.87 4.50 -24.02
C LYS A 73 -10.07 4.53 -24.94
N ASN A 74 -10.06 3.66 -25.97
CA ASN A 74 -11.08 3.70 -27.02
C ASN A 74 -12.30 2.85 -26.71
N LYS A 75 -12.30 2.11 -25.61
CA LYS A 75 -13.41 1.21 -25.30
C LYS A 75 -14.35 1.76 -24.25
N ALA A 76 -13.84 2.04 -23.05
CA ALA A 76 -14.68 2.37 -21.90
C ALA A 76 -14.62 3.86 -21.61
N THR A 77 -15.78 4.50 -21.57
CA THR A 77 -15.90 5.91 -21.17
C THR A 77 -16.67 5.97 -19.88
N LEU A 78 -16.06 6.54 -18.84
CA LEU A 78 -16.70 6.66 -17.55
C LEU A 78 -17.41 8.01 -17.43
N THR A 79 -18.55 7.99 -16.74
CA THR A 79 -19.29 9.20 -16.49
C THR A 79 -20.01 9.05 -15.16
N VAL A 80 -20.62 10.14 -14.69
CA VAL A 80 -21.18 10.17 -13.34
C VAL A 80 -22.54 10.84 -13.40
N ASP A 81 -23.34 10.61 -12.36
CA ASP A 81 -24.65 11.26 -12.21
C ASP A 81 -24.76 11.67 -10.74
N THR A 82 -24.49 12.95 -10.47
CA THR A 82 -24.45 13.45 -9.09
C THR A 82 -25.84 13.53 -8.49
N SER A 83 -26.84 13.90 -9.29
CA SER A 83 -28.18 14.07 -8.76
C SER A 83 -28.72 12.77 -8.17
N SER A 84 -28.56 11.67 -8.89
CA SER A 84 -29.00 10.36 -8.44
C SER A 84 -27.90 9.53 -7.80
N SER A 85 -26.68 10.07 -7.72
CA SER A 85 -25.55 9.40 -7.08
C SER A 85 -25.30 8.03 -7.70
N THR A 86 -24.93 8.03 -8.99
CA THR A 86 -24.62 6.81 -9.70
C THR A 86 -23.35 7.01 -10.51
N ALA A 87 -22.64 5.93 -10.79
CA ALA A 87 -21.45 5.97 -11.62
C ALA A 87 -21.64 5.04 -12.80
N TYR A 88 -21.54 5.57 -14.02
CA TYR A 88 -21.73 4.81 -15.23
C TYR A 88 -20.40 4.57 -15.93
N MET A 89 -20.31 3.44 -16.62
CA MET A 89 -19.21 3.16 -17.54
C MET A 89 -19.79 2.55 -18.80
N GLN A 90 -19.52 3.16 -19.95
CA GLN A 90 -20.05 2.70 -21.22
C GLN A 90 -18.95 2.00 -22.01
N LEU A 91 -19.22 0.77 -22.42
CA LEU A 91 -18.35 -0.01 -23.27
C LEU A 91 -18.93 -0.05 -24.68
N SER A 92 -18.11 0.24 -25.67
CA SER A 92 -18.56 0.41 -27.05
C SER A 92 -17.97 -0.68 -27.94
N SER A 93 -18.75 -1.08 -28.94
CA SER A 93 -18.35 -2.10 -29.91
C SER A 93 -17.94 -3.39 -29.21
N LEU A 94 -18.84 -3.89 -28.37
CA LEU A 94 -18.56 -5.07 -27.57
C LEU A 94 -18.45 -6.31 -28.44
N THR A 95 -17.42 -7.11 -28.22
CA THR A 95 -17.27 -8.40 -28.87
C THR A 95 -16.86 -9.41 -27.80
N SER A 96 -16.43 -10.60 -28.21
CA SER A 96 -15.81 -11.49 -27.26
C SER A 96 -14.53 -10.84 -26.73
N ASP A 97 -13.96 -11.47 -25.69
CA ASP A 97 -12.79 -10.95 -24.96
C ASP A 97 -13.29 -9.79 -24.08
N ASP A 98 -14.54 -9.37 -24.31
CA ASP A 98 -15.19 -8.34 -23.52
C ASP A 98 -16.32 -8.91 -22.68
N SER A 99 -16.21 -10.16 -22.26
CA SER A 99 -17.25 -10.85 -21.50
C SER A 99 -16.76 -11.18 -20.08
N ALA A 100 -16.12 -10.23 -19.43
CA ALA A 100 -15.53 -10.43 -18.12
C ALA A 100 -16.53 -10.05 -17.03
N VAL A 101 -16.03 -9.91 -15.80
CA VAL A 101 -16.82 -9.42 -14.68
C VAL A 101 -16.25 -8.07 -14.26
N TYR A 102 -17.11 -7.05 -14.19
CA TYR A 102 -16.68 -5.68 -13.96
C TYR A 102 -17.04 -5.23 -12.55
N TYR A 103 -16.06 -4.66 -11.86
CA TYR A 103 -16.19 -4.24 -10.47
C TYR A 103 -16.07 -2.72 -10.38
N CYS A 104 -16.87 -2.14 -9.49
CA CYS A 104 -16.82 -0.72 -9.15
C CYS A 104 -16.38 -0.60 -7.70
N ALA A 105 -15.32 0.16 -7.46
CA ALA A 105 -14.72 0.24 -6.14
C ALA A 105 -14.56 1.69 -5.73
N ARG A 106 -14.47 1.94 -4.42
CA ARG A 106 -14.33 3.28 -3.88
C ARG A 106 -12.97 3.45 -3.22
N GLU A 107 -12.28 4.54 -3.56
CA GLU A 107 -10.97 4.82 -2.97
C GLU A 107 -11.11 5.58 -1.67
N ASP A 108 -10.26 5.26 -0.70
CA ASP A 108 -10.25 5.91 0.60
C ASP A 108 -8.96 6.67 0.84
N TYR A 109 -9.06 7.74 1.62
CA TYR A 109 -7.93 8.51 2.09
C TYR A 109 -7.48 8.01 3.45
N TYR A 110 -6.19 8.15 3.73
CA TYR A 110 -5.68 7.87 5.06
C TYR A 110 -6.31 8.84 6.05
N ASP A 111 -6.56 8.36 7.26
CA ASP A 111 -7.34 9.14 8.23
C ASP A 111 -6.61 10.43 8.57
N GLY A 112 -7.32 11.55 8.40
CA GLY A 112 -6.77 12.86 8.64
C GLY A 112 -6.11 13.51 7.44
N THR A 113 -5.96 12.79 6.34
CA THR A 113 -5.29 13.32 5.15
C THR A 113 -6.11 13.04 3.90
N TYR A 114 -5.51 13.29 2.73
CA TYR A 114 -6.12 12.92 1.45
C TYR A 114 -5.25 11.90 0.71
N VAL A 115 -4.34 11.25 1.41
CA VAL A 115 -3.44 10.28 0.81
C VAL A 115 -4.18 8.95 0.68
N TYR A 116 -4.22 8.41 -0.54
CA TYR A 116 -4.92 7.16 -0.79
C TYR A 116 -4.11 5.99 -0.25
N TYR A 117 -4.80 5.02 0.36
CA TYR A 117 -4.11 3.86 0.92
C TYR A 117 -4.74 2.53 0.53
N ALA A 118 -6.05 2.50 0.30
CA ALA A 118 -6.73 1.26 -0.05
C ALA A 118 -8.06 1.57 -0.70
N MET A 119 -8.66 0.55 -1.32
CA MET A 119 -10.00 0.61 -1.90
C MET A 119 -10.94 -0.17 -0.99
N ASP A 120 -11.69 0.53 -0.15
CA ASP A 120 -12.44 -0.13 0.91
C ASP A 120 -13.54 -1.00 0.34
N PHE A 121 -14.51 -0.39 -0.33
CA PHE A 121 -15.74 -1.05 -0.71
C PHE A 121 -15.75 -1.31 -2.20
N TRP A 122 -15.86 -2.57 -2.57
CA TRP A 122 -16.02 -3.00 -3.95
C TRP A 122 -17.46 -3.45 -4.14
N GLY A 123 -18.10 -2.98 -5.20
CA GLY A 123 -19.41 -3.49 -5.54
C GLY A 123 -19.31 -4.91 -6.05
N GLN A 124 -20.43 -5.64 -5.97
CA GLN A 124 -20.48 -6.95 -6.58
C GLN A 124 -20.36 -6.81 -8.09
N GLY A 125 -19.80 -7.83 -8.73
CA GLY A 125 -19.52 -7.73 -10.14
C GLY A 125 -20.77 -7.70 -10.99
N THR A 126 -20.57 -7.34 -12.27
CA THR A 126 -21.61 -7.41 -13.28
C THR A 126 -21.10 -8.33 -14.39
N SER A 127 -21.69 -9.52 -14.50
CA SER A 127 -21.21 -10.53 -15.44
C SER A 127 -21.72 -10.19 -16.83
N VAL A 128 -20.95 -9.36 -17.54
CA VAL A 128 -21.29 -9.03 -18.93
C VAL A 128 -21.01 -10.23 -19.81
N THR A 129 -21.98 -10.59 -20.64
CA THR A 129 -21.81 -11.69 -21.58
C THR A 129 -22.17 -11.23 -22.98
N VAL A 130 -21.37 -11.65 -23.96
CA VAL A 130 -21.52 -11.24 -25.34
C VAL A 130 -21.89 -12.48 -26.15
N SER A 131 -23.09 -12.51 -26.71
CA SER A 131 -23.53 -13.65 -27.50
C SER A 131 -24.76 -13.27 -28.29
N SER A 132 -24.85 -13.77 -29.52
CA SER A 132 -25.96 -13.45 -30.41
C SER A 132 -27.09 -14.47 -30.33
N ALA A 133 -26.95 -15.53 -29.55
CA ALA A 133 -27.98 -16.56 -29.50
C ALA A 133 -29.22 -16.06 -28.78
N LYS A 134 -30.39 -16.44 -29.30
CA LYS A 134 -31.64 -16.11 -28.65
C LYS A 134 -31.93 -17.09 -27.52
N THR A 135 -32.99 -16.82 -26.77
CA THR A 135 -33.37 -17.70 -25.68
C THR A 135 -33.86 -19.04 -26.21
N THR A 136 -33.33 -20.13 -25.65
CA THR A 136 -33.72 -21.47 -26.06
C THR A 136 -33.86 -22.35 -24.82
N ALA A 137 -34.89 -23.20 -24.81
CA ALA A 137 -35.12 -24.12 -23.72
C ALA A 137 -34.18 -25.31 -23.82
N PRO A 138 -33.71 -25.84 -22.69
CA PRO A 138 -32.74 -26.93 -22.74
C PRO A 138 -33.38 -28.26 -23.12
N SER A 139 -32.52 -29.20 -23.51
CA SER A 139 -32.89 -30.57 -23.77
C SER A 139 -32.26 -31.45 -22.71
N VAL A 140 -33.06 -32.28 -22.06
CA VAL A 140 -32.65 -33.08 -20.92
C VAL A 140 -32.59 -34.55 -21.35
N TYR A 141 -31.47 -35.21 -21.04
CA TYR A 141 -31.23 -36.58 -21.45
C TYR A 141 -30.84 -37.42 -20.25
N PRO A 142 -31.51 -38.55 -20.01
CA PRO A 142 -31.22 -39.40 -18.86
C PRO A 142 -30.08 -40.40 -19.07
N LEU A 143 -28.84 -39.99 -18.83
CA LEU A 143 -27.74 -40.95 -18.86
C LEU A 143 -27.97 -42.05 -17.83
N ALA A 144 -27.80 -43.29 -18.26
CA ALA A 144 -28.00 -44.47 -17.42
C ALA A 144 -26.78 -45.37 -17.56
N PRO A 145 -26.50 -46.20 -16.56
CA PRO A 145 -25.33 -47.08 -16.64
C PRO A 145 -25.43 -48.04 -17.81
N VAL A 146 -24.26 -48.47 -18.30
CA VAL A 146 -24.22 -49.31 -19.49
C VAL A 146 -25.02 -50.59 -19.25
N CYS A 147 -25.62 -51.10 -20.33
CA CYS A 147 -26.42 -52.32 -20.25
C CYS A 147 -25.57 -53.46 -19.72
N GLY A 148 -26.12 -54.20 -18.76
CA GLY A 148 -25.33 -55.20 -18.08
C GLY A 148 -24.17 -54.55 -17.33
N ASP A 149 -22.99 -55.14 -17.47
CA ASP A 149 -21.77 -54.61 -16.87
C ASP A 149 -21.94 -54.38 -15.36
N THR A 150 -22.57 -55.35 -14.70
CA THR A 150 -22.84 -55.25 -13.27
C THR A 150 -21.54 -55.46 -12.50
N SER A 151 -20.90 -54.37 -12.10
CA SER A 151 -19.65 -54.42 -11.35
C SER A 151 -19.76 -53.53 -10.13
N GLY A 152 -19.43 -54.09 -8.96
CA GLY A 152 -19.44 -53.33 -7.73
C GLY A 152 -20.82 -53.21 -7.12
N SER A 153 -20.85 -52.65 -5.92
CA SER A 153 -22.08 -52.41 -5.19
C SER A 153 -22.59 -50.97 -5.30
N SER A 154 -21.91 -50.14 -6.07
CA SER A 154 -22.28 -48.73 -6.24
C SER A 154 -22.60 -48.47 -7.70
N VAL A 155 -23.69 -47.75 -7.95
CA VAL A 155 -24.11 -47.40 -9.29
C VAL A 155 -24.23 -45.89 -9.38
N THR A 156 -23.65 -45.31 -10.42
CA THR A 156 -23.72 -43.88 -10.66
C THR A 156 -24.62 -43.60 -11.85
N LEU A 157 -25.51 -42.63 -11.70
CA LEU A 157 -26.42 -42.19 -12.74
C LEU A 157 -26.14 -40.71 -13.02
N GLY A 158 -26.75 -40.20 -14.08
CA GLY A 158 -26.59 -38.79 -14.39
C GLY A 158 -27.61 -38.32 -15.38
N CYS A 159 -27.76 -37.00 -15.46
CA CYS A 159 -28.58 -36.38 -16.49
C CYS A 159 -27.82 -35.23 -17.11
N LEU A 160 -28.01 -35.05 -18.41
CA LEU A 160 -27.25 -34.12 -19.22
C LEU A 160 -28.20 -33.16 -19.93
N VAL A 161 -27.95 -31.86 -19.81
CA VAL A 161 -28.79 -30.84 -20.40
C VAL A 161 -27.98 -30.05 -21.43
N LYS A 162 -28.52 -29.90 -22.63
CA LYS A 162 -27.84 -29.25 -23.73
C LYS A 162 -28.78 -28.30 -24.45
N GLY A 163 -28.27 -27.13 -24.82
CA GLY A 163 -28.94 -26.26 -25.77
C GLY A 163 -29.50 -24.97 -25.20
N TYR A 164 -29.46 -24.76 -23.90
CA TYR A 164 -30.04 -23.55 -23.33
C TYR A 164 -29.04 -22.40 -23.40
N PHE A 165 -29.48 -21.26 -23.94
CA PHE A 165 -28.55 -20.13 -23.99
C PHE A 165 -28.50 -19.31 -22.69
N PRO A 166 -29.62 -18.87 -22.12
CA PRO A 166 -29.52 -18.07 -20.89
C PRO A 166 -28.89 -18.87 -19.76
N GLU A 167 -27.93 -18.25 -19.08
CA GLU A 167 -27.02 -19.00 -18.23
C GLU A 167 -27.69 -19.77 -17.09
N PRO A 168 -28.54 -19.18 -16.26
CA PRO A 168 -28.99 -19.89 -15.06
C PRO A 168 -29.86 -21.11 -15.40
N VAL A 169 -29.60 -22.19 -14.68
CA VAL A 169 -30.41 -23.41 -14.76
C VAL A 169 -30.19 -24.18 -13.47
N THR A 170 -31.26 -24.74 -12.93
CA THR A 170 -31.19 -25.45 -11.65
C THR A 170 -31.49 -26.92 -11.87
N LEU A 171 -30.57 -27.78 -11.43
CA LEU A 171 -30.71 -29.22 -11.54
C LEU A 171 -30.80 -29.82 -10.14
N THR A 172 -31.82 -30.64 -9.92
CA THR A 172 -32.04 -31.28 -8.63
C THR A 172 -32.36 -32.74 -8.83
N TRP A 173 -32.11 -33.53 -7.78
CA TRP A 173 -32.36 -34.96 -7.79
C TRP A 173 -33.43 -35.30 -6.77
N ASN A 174 -34.48 -35.97 -7.22
CA ASN A 174 -35.61 -36.33 -6.37
C ASN A 174 -36.17 -35.10 -5.65
N SER A 175 -36.33 -34.02 -6.41
CA SER A 175 -36.84 -32.74 -5.91
C SER A 175 -35.98 -32.22 -4.75
N GLY A 176 -34.67 -32.43 -4.86
CA GLY A 176 -33.74 -31.92 -3.87
C GLY A 176 -33.52 -32.79 -2.66
N SER A 177 -34.25 -33.90 -2.53
CA SER A 177 -34.09 -34.77 -1.37
C SER A 177 -32.82 -35.62 -1.45
N LEU A 178 -32.42 -36.02 -2.65
CA LEU A 178 -31.27 -36.89 -2.84
C LEU A 178 -30.01 -36.04 -3.03
N SER A 179 -29.15 -36.00 -2.03
CA SER A 179 -27.90 -35.25 -2.10
C SER A 179 -26.75 -36.01 -1.47
N SER A 180 -26.78 -37.34 -1.52
CA SER A 180 -25.71 -38.13 -0.93
C SER A 180 -24.40 -37.95 -1.66
N GLY A 181 -24.42 -38.11 -2.99
CA GLY A 181 -23.21 -38.04 -3.78
C GLY A 181 -23.38 -37.24 -5.05
N VAL A 182 -24.20 -36.20 -5.00
CA VAL A 182 -24.46 -35.40 -6.19
C VAL A 182 -23.22 -34.60 -6.56
N HIS A 183 -23.07 -34.36 -7.86
CA HIS A 183 -22.00 -33.52 -8.39
C HIS A 183 -22.57 -32.79 -9.59
N THR A 184 -22.72 -31.47 -9.50
CA THR A 184 -23.16 -30.66 -10.62
C THR A 184 -22.01 -29.79 -11.09
N PHE A 185 -21.63 -29.95 -12.32
CA PHE A 185 -20.47 -29.33 -12.93
C PHE A 185 -20.82 -27.97 -13.51
N PRO A 186 -19.86 -27.06 -13.57
CA PRO A 186 -20.14 -25.73 -14.13
C PRO A 186 -20.57 -25.84 -15.59
N ALA A 187 -21.50 -24.97 -15.98
CA ALA A 187 -21.98 -24.94 -17.35
C ALA A 187 -20.86 -24.46 -18.27
N VAL A 188 -20.73 -25.13 -19.42
CA VAL A 188 -19.70 -24.77 -20.39
C VAL A 188 -20.39 -24.24 -21.64
N LEU A 189 -19.63 -23.49 -22.43
CA LEU A 189 -20.14 -22.82 -23.63
C LEU A 189 -19.56 -23.46 -24.88
N GLN A 190 -20.40 -23.63 -25.90
CA GLN A 190 -19.97 -24.22 -27.16
C GLN A 190 -20.96 -23.81 -28.24
N SER A 191 -20.45 -23.19 -29.30
CA SER A 191 -21.29 -22.76 -30.43
C SER A 191 -22.44 -21.87 -29.96
N ASP A 192 -22.14 -20.99 -29.00
CA ASP A 192 -23.09 -20.03 -28.46
C ASP A 192 -24.28 -20.71 -27.76
N LEU A 193 -24.06 -21.93 -27.27
CA LEU A 193 -25.08 -22.62 -26.48
C LEU A 193 -24.40 -23.32 -25.32
N TYR A 194 -25.10 -23.45 -24.21
CA TYR A 194 -24.50 -24.00 -23.01
C TYR A 194 -24.75 -25.50 -22.89
N THR A 195 -23.94 -26.15 -22.07
CA THR A 195 -24.06 -27.56 -21.78
C THR A 195 -23.72 -27.80 -20.31
N LEU A 196 -24.53 -28.60 -19.64
CA LEU A 196 -24.33 -28.93 -18.23
C LEU A 196 -24.65 -30.40 -18.03
N SER A 197 -24.07 -31.00 -17.00
CA SER A 197 -24.32 -32.40 -16.69
C SER A 197 -24.17 -32.61 -15.20
N SER A 198 -24.85 -33.63 -14.68
CA SER A 198 -24.77 -33.91 -13.26
C SER A 198 -24.91 -35.41 -13.02
N SER A 199 -24.32 -35.87 -11.92
CA SER A 199 -24.29 -37.29 -11.59
C SER A 199 -24.53 -37.51 -10.11
N VAL A 200 -25.11 -38.65 -9.78
CA VAL A 200 -25.38 -39.05 -8.40
C VAL A 200 -25.04 -40.53 -8.24
N THR A 201 -24.39 -40.87 -7.13
CA THR A 201 -23.98 -42.24 -6.85
C THR A 201 -24.82 -42.80 -5.73
N VAL A 202 -25.35 -44.01 -5.94
CA VAL A 202 -26.21 -44.67 -4.96
C VAL A 202 -25.77 -46.13 -4.83
N THR A 203 -26.39 -46.84 -3.90
CA THR A 203 -26.11 -48.24 -3.69
C THR A 203 -26.73 -49.09 -4.80
N SER A 204 -26.22 -50.31 -4.94
CA SER A 204 -26.73 -51.21 -5.98
C SER A 204 -28.17 -51.64 -5.72
N SER A 205 -28.63 -51.56 -4.48
CA SER A 205 -29.99 -51.97 -4.12
C SER A 205 -30.98 -50.83 -4.11
N THR A 206 -30.57 -49.63 -4.51
CA THR A 206 -31.44 -48.45 -4.46
C THR A 206 -32.04 -48.12 -5.83
N TRP A 207 -31.20 -47.93 -6.84
CA TRP A 207 -31.70 -47.49 -8.14
C TRP A 207 -32.64 -48.49 -8.80
N PRO A 208 -32.33 -49.78 -8.91
CA PRO A 208 -33.30 -50.71 -9.51
C PRO A 208 -34.60 -50.82 -8.72
N SER A 209 -34.60 -50.46 -7.44
CA SER A 209 -35.79 -50.52 -6.60
C SER A 209 -36.53 -49.18 -6.55
N GLN A 210 -35.86 -48.13 -6.09
CA GLN A 210 -36.48 -46.83 -5.91
C GLN A 210 -36.14 -45.92 -7.09
N SER A 211 -37.16 -45.26 -7.63
CA SER A 211 -36.95 -44.42 -8.81
C SER A 211 -36.23 -43.13 -8.45
N ILE A 212 -35.37 -42.68 -9.36
CA ILE A 212 -34.65 -41.42 -9.23
C ILE A 212 -34.97 -40.56 -10.43
N THR A 213 -35.37 -39.32 -10.19
CA THR A 213 -35.78 -38.40 -11.24
C THR A 213 -34.90 -37.16 -11.22
N CYS A 214 -34.42 -36.76 -12.39
CA CYS A 214 -33.66 -35.53 -12.55
C CYS A 214 -34.61 -34.41 -12.92
N ASN A 215 -34.68 -33.37 -12.09
CA ASN A 215 -35.55 -32.22 -12.33
C ASN A 215 -34.69 -31.06 -12.80
N VAL A 216 -35.03 -30.50 -13.96
CA VAL A 216 -34.32 -29.37 -14.54
C VAL A 216 -35.29 -28.21 -14.63
N ALA A 217 -34.90 -27.07 -14.09
CA ALA A 217 -35.73 -25.87 -14.10
C ALA A 217 -34.96 -24.73 -14.75
N HIS A 218 -35.57 -24.12 -15.75
CA HIS A 218 -35.00 -22.99 -16.47
C HIS A 218 -35.75 -21.73 -16.07
N PRO A 219 -35.08 -20.73 -15.49
CA PRO A 219 -35.81 -19.50 -15.12
C PRO A 219 -36.24 -18.67 -16.32
N ALA A 220 -35.35 -18.49 -17.30
CA ALA A 220 -35.64 -17.55 -18.40
C ALA A 220 -36.84 -18.00 -19.22
N SER A 221 -36.93 -19.29 -19.51
CA SER A 221 -38.06 -19.86 -20.24
C SER A 221 -38.84 -20.80 -19.35
N SER A 222 -40.16 -20.69 -19.38
CA SER A 222 -40.99 -21.44 -18.44
C SER A 222 -41.02 -22.92 -18.77
N THR A 223 -39.90 -23.61 -18.57
CA THR A 223 -39.78 -25.04 -18.82
C THR A 223 -39.31 -25.74 -17.57
N LYS A 224 -39.99 -26.82 -17.20
CA LYS A 224 -39.62 -27.64 -16.04
C LYS A 224 -39.86 -29.10 -16.41
N VAL A 225 -38.78 -29.85 -16.62
CA VAL A 225 -38.84 -31.22 -17.12
C VAL A 225 -38.25 -32.15 -16.08
N ASP A 226 -38.98 -33.22 -15.77
CA ASP A 226 -38.51 -34.28 -14.89
C ASP A 226 -38.27 -35.54 -15.71
N LYS A 227 -37.05 -36.05 -15.67
CA LYS A 227 -36.67 -37.23 -16.43
C LYS A 227 -36.38 -38.39 -15.50
N LYS A 228 -37.04 -39.51 -15.72
CA LYS A 228 -36.87 -40.70 -14.88
C LYS A 228 -35.87 -41.64 -15.53
N ILE A 229 -34.80 -41.95 -14.81
CA ILE A 229 -33.77 -42.85 -15.32
C ILE A 229 -34.26 -44.28 -15.22
N GLU A 230 -34.13 -45.03 -16.30
CA GLU A 230 -34.59 -46.41 -16.36
C GLU A 230 -33.47 -47.30 -16.86
N PRO A 231 -33.48 -48.58 -16.48
CA PRO A 231 -32.44 -49.50 -16.98
C PRO A 231 -32.54 -49.69 -18.48
N ARG A 232 -31.39 -49.93 -19.10
CA ARG A 232 -31.33 -50.14 -20.54
C ARG A 232 -31.75 -51.56 -20.90
N ASP B 7 4.71 0.33 -17.91
CA ASP B 7 3.75 -0.54 -17.25
C ASP B 7 4.46 -1.56 -16.37
N ILE B 8 4.44 -1.32 -15.06
CA ILE B 8 5.10 -2.21 -14.11
C ILE B 8 4.32 -3.52 -14.03
N VAL B 9 5.02 -4.63 -14.13
CA VAL B 9 4.41 -5.95 -14.17
C VAL B 9 4.63 -6.63 -12.83
N MET B 10 3.54 -6.91 -12.11
CA MET B 10 3.61 -7.58 -10.82
C MET B 10 3.40 -9.08 -11.05
N THR B 11 4.46 -9.86 -10.86
CA THR B 11 4.45 -11.28 -11.16
C THR B 11 4.14 -12.07 -9.88
N GLN B 12 3.13 -12.93 -9.97
CA GLN B 12 2.80 -13.88 -8.92
C GLN B 12 3.02 -15.28 -9.50
N SER B 13 4.06 -15.95 -9.01
CA SER B 13 4.54 -17.16 -9.68
C SER B 13 3.52 -18.30 -9.62
N GLN B 14 3.00 -18.59 -8.42
CA GLN B 14 2.16 -19.77 -8.20
C GLN B 14 0.70 -19.34 -8.11
N LYS B 15 -0.13 -19.90 -9.00
CA LYS B 15 -1.55 -19.59 -9.05
C LYS B 15 -2.39 -20.54 -8.19
N PHE B 16 -1.79 -21.59 -7.63
CA PHE B 16 -2.51 -22.51 -6.77
C PHE B 16 -1.58 -22.96 -5.65
N MET B 17 -2.00 -22.73 -4.41
CA MET B 17 -1.22 -23.12 -3.24
C MET B 17 -2.05 -24.04 -2.37
N SER B 18 -1.43 -25.12 -1.89
CA SER B 18 -2.11 -26.13 -1.10
C SER B 18 -1.49 -26.20 0.28
N THR B 19 -2.28 -25.96 1.32
CA THR B 19 -1.81 -26.01 2.69
C THR B 19 -2.88 -26.59 3.60
N SER B 20 -2.46 -27.35 4.59
CA SER B 20 -3.38 -27.89 5.58
C SER B 20 -3.69 -26.83 6.63
N VAL B 21 -4.71 -27.11 7.46
CA VAL B 21 -5.10 -26.17 8.50
C VAL B 21 -4.00 -26.11 9.57
N GLY B 22 -3.82 -24.94 10.14
CA GLY B 22 -2.78 -24.75 11.13
C GLY B 22 -1.37 -24.86 10.59
N ASP B 23 -1.11 -24.29 9.42
CA ASP B 23 0.21 -24.28 8.81
C ASP B 23 0.52 -22.88 8.31
N ARG B 24 1.80 -22.52 8.33
CA ARG B 24 2.23 -21.22 7.82
C ARG B 24 2.29 -21.25 6.30
N VAL B 25 1.79 -20.18 5.67
CA VAL B 25 1.83 -20.06 4.23
C VAL B 25 2.33 -18.66 3.88
N SER B 26 2.92 -18.53 2.69
CA SER B 26 3.47 -17.27 2.23
C SER B 26 3.26 -17.13 0.74
N ILE B 27 2.70 -15.98 0.34
CA ILE B 27 2.38 -15.68 -1.05
C ILE B 27 3.28 -14.54 -1.50
N THR B 28 3.98 -14.76 -2.61
CA THR B 28 5.04 -13.84 -3.06
C THR B 28 4.63 -13.13 -4.33
N CYS B 29 5.01 -11.85 -4.41
CA CYS B 29 4.74 -10.97 -5.53
C CYS B 29 6.02 -10.24 -5.88
N LYS B 30 6.31 -10.05 -7.16
CA LYS B 30 7.57 -9.44 -7.57
C LYS B 30 7.31 -8.37 -8.60
N ALA B 31 7.71 -7.13 -8.30
CA ALA B 31 7.54 -6.04 -9.24
C ALA B 31 8.72 -5.99 -10.22
N SER B 32 8.52 -5.26 -11.31
CA SER B 32 9.57 -5.09 -12.31
C SER B 32 10.39 -3.83 -12.06
N GLN B 33 9.72 -2.68 -11.92
CA GLN B 33 10.39 -1.44 -11.57
C GLN B 33 10.50 -1.34 -10.06
N ASN B 34 10.86 -0.17 -9.55
CA ASN B 34 10.98 0.05 -8.12
C ASN B 34 9.71 0.74 -7.63
N VAL B 35 8.90 0.00 -6.88
CA VAL B 35 7.70 0.54 -6.23
C VAL B 35 7.99 0.60 -4.74
N GLY B 36 8.03 1.81 -4.19
CA GLY B 36 8.46 1.94 -2.81
C GLY B 36 7.33 1.80 -1.82
N THR B 37 7.16 0.58 -1.30
CA THR B 37 6.07 0.24 -0.38
C THR B 37 4.75 0.87 -0.80
N ASP B 38 4.47 0.77 -2.11
CA ASP B 38 3.22 1.23 -2.69
C ASP B 38 2.41 0.05 -3.21
N VAL B 39 2.35 -1.03 -2.42
CA VAL B 39 1.71 -2.27 -2.80
C VAL B 39 0.70 -2.66 -1.73
N SER B 40 -0.51 -3.01 -2.14
CA SER B 40 -1.57 -3.45 -1.23
C SER B 40 -1.97 -4.87 -1.58
N TRP B 41 -2.28 -5.65 -0.54
CA TRP B 41 -2.70 -7.03 -0.69
C TRP B 41 -4.19 -7.14 -0.41
N TYR B 42 -4.93 -7.72 -1.36
CA TYR B 42 -6.37 -7.91 -1.27
C TYR B 42 -6.71 -9.39 -1.24
N GLN B 43 -7.78 -9.71 -0.53
CA GLN B 43 -8.30 -11.08 -0.44
C GLN B 43 -9.77 -11.08 -0.86
N GLN B 44 -10.12 -12.02 -1.73
CA GLN B 44 -11.50 -12.20 -2.18
C GLN B 44 -11.94 -13.61 -1.83
N LYS B 45 -12.94 -13.72 -0.95
CA LYS B 45 -13.47 -15.01 -0.57
C LYS B 45 -14.34 -15.56 -1.70
N PRO B 46 -14.59 -16.87 -1.70
CA PRO B 46 -15.38 -17.46 -2.79
C PRO B 46 -16.78 -16.86 -2.86
N GLY B 47 -17.13 -16.38 -4.05
CA GLY B 47 -18.43 -15.75 -4.25
C GLY B 47 -18.64 -14.46 -3.49
N LYS B 48 -17.63 -13.59 -3.46
CA LYS B 48 -17.74 -12.31 -2.77
C LYS B 48 -16.80 -11.31 -3.43
N SER B 49 -17.04 -10.03 -3.15
CA SER B 49 -16.20 -8.96 -3.63
C SER B 49 -14.92 -8.86 -2.81
N PRO B 50 -13.82 -8.40 -3.40
CA PRO B 50 -12.55 -8.37 -2.69
C PRO B 50 -12.57 -7.41 -1.51
N LYS B 51 -11.76 -7.74 -0.50
CA LYS B 51 -11.62 -6.91 0.68
C LYS B 51 -10.13 -6.65 0.91
N PRO B 52 -9.77 -5.44 1.38
CA PRO B 52 -8.36 -5.14 1.60
C PRO B 52 -7.80 -5.92 2.79
N LEU B 53 -6.54 -6.32 2.69
CA LEU B 53 -5.82 -6.92 3.79
C LEU B 53 -4.67 -6.04 4.25
N ILE B 54 -3.77 -5.69 3.33
CA ILE B 54 -2.53 -4.99 3.67
C ILE B 54 -2.46 -3.73 2.82
N TYR B 55 -2.12 -2.60 3.45
CA TYR B 55 -1.91 -1.36 2.72
C TYR B 55 -0.51 -0.83 3.00
N TRP B 56 0.14 -0.29 1.97
CA TRP B 56 1.51 0.20 2.02
C TRP B 56 2.51 -0.91 2.33
N ALA B 57 2.15 -2.15 2.01
CA ALA B 57 3.04 -3.31 1.95
C ALA B 57 3.49 -3.80 3.32
N SER B 58 3.21 -3.06 4.36
CA SER B 58 3.55 -3.52 5.70
C SER B 58 2.39 -3.41 6.67
N ASN B 59 1.58 -2.36 6.55
CA ASN B 59 0.53 -2.08 7.51
C ASN B 59 -0.67 -2.99 7.28
N ARG B 60 -1.44 -3.19 8.34
CA ARG B 60 -2.58 -4.09 8.33
C ARG B 60 -3.87 -3.29 8.45
N PHE B 61 -4.90 -3.71 7.74
CA PHE B 61 -6.18 -3.02 7.77
C PHE B 61 -6.77 -3.07 9.18
N THR B 62 -7.89 -2.35 9.37
CA THR B 62 -8.45 -2.20 10.70
C THR B 62 -8.97 -3.52 11.25
N GLY B 63 -9.69 -4.30 10.44
CA GLY B 63 -10.31 -5.51 10.92
C GLY B 63 -9.60 -6.81 10.62
N VAL B 64 -8.46 -6.74 9.95
CA VAL B 64 -7.73 -7.96 9.57
C VAL B 64 -7.19 -8.63 10.82
N PRO B 65 -7.29 -9.96 10.96
CA PRO B 65 -6.74 -10.63 12.15
C PRO B 65 -5.23 -10.51 12.24
N ASP B 66 -4.66 -11.00 13.34
CA ASP B 66 -3.23 -10.89 13.59
C ASP B 66 -2.40 -11.84 12.74
N ARG B 67 -3.01 -12.85 12.12
CA ARG B 67 -2.23 -13.84 11.37
C ARG B 67 -1.55 -13.23 10.16
N PHE B 68 -2.23 -12.34 9.46
CA PHE B 68 -1.69 -11.79 8.21
C PHE B 68 -0.60 -10.77 8.50
N THR B 69 0.57 -10.96 7.88
CA THR B 69 1.67 -10.01 7.97
C THR B 69 2.23 -9.75 6.58
N GLY B 70 2.48 -8.49 6.26
CA GLY B 70 3.03 -8.11 4.97
C GLY B 70 4.46 -7.63 5.12
N SER B 71 5.30 -7.98 4.14
CA SER B 71 6.71 -7.63 4.21
C SER B 71 7.24 -7.32 2.82
N ARG B 72 8.33 -6.57 2.78
CA ARG B 72 9.02 -6.21 1.55
C ARG B 72 10.51 -6.47 1.71
N SER B 73 11.13 -6.96 0.64
CA SER B 73 12.57 -7.25 0.62
C SER B 73 13.22 -6.72 -0.64
N GLY B 74 12.91 -5.47 -0.97
CA GLY B 74 13.41 -4.88 -2.20
C GLY B 74 12.29 -4.65 -3.19
N THR B 75 12.26 -5.44 -4.26
CA THR B 75 11.12 -5.48 -5.16
C THR B 75 10.28 -6.73 -4.95
N ASP B 76 10.55 -7.50 -3.90
CA ASP B 76 9.82 -8.72 -3.60
C ASP B 76 8.96 -8.50 -2.37
N PHE B 77 7.67 -8.70 -2.51
CA PHE B 77 6.70 -8.52 -1.45
C PHE B 77 6.10 -9.86 -1.06
N THR B 78 5.77 -10.01 0.22
CA THR B 78 5.31 -11.29 0.73
C THR B 78 4.16 -11.08 1.70
N LEU B 79 3.12 -11.89 1.57
CA LEU B 79 2.02 -11.95 2.52
C LEU B 79 2.07 -13.29 3.23
N THR B 80 2.19 -13.25 4.56
CA THR B 80 2.38 -14.45 5.36
C THR B 80 1.18 -14.66 6.26
N ILE B 81 0.65 -15.87 6.26
CA ILE B 81 -0.43 -16.29 7.14
C ILE B 81 0.14 -17.33 8.09
N SER B 82 0.05 -17.05 9.39
CA SER B 82 0.69 -17.90 10.39
C SER B 82 -0.14 -19.14 10.68
N ASN B 83 -1.37 -18.96 11.14
CA ASN B 83 -2.29 -20.06 11.42
C ASN B 83 -3.36 -20.06 10.33
N VAL B 84 -3.08 -20.78 9.24
CA VAL B 84 -4.07 -20.88 8.18
C VAL B 84 -5.29 -21.60 8.71
N GLN B 85 -6.45 -20.95 8.61
CA GLN B 85 -7.70 -21.52 9.09
C GLN B 85 -8.63 -21.77 7.91
N SER B 86 -9.76 -22.42 8.20
CA SER B 86 -10.73 -22.71 7.16
C SER B 86 -11.30 -21.44 6.53
N GLU B 87 -11.25 -20.31 7.24
CA GLU B 87 -11.68 -19.05 6.66
C GLU B 87 -10.67 -18.45 5.70
N ASP B 88 -9.41 -18.85 5.79
CA ASP B 88 -8.36 -18.30 4.92
C ASP B 88 -8.19 -19.13 3.66
N LEU B 89 -9.28 -19.42 2.97
CA LEU B 89 -9.26 -20.15 1.71
C LEU B 89 -9.94 -19.26 0.68
N ALA B 90 -9.15 -18.46 -0.02
CA ALA B 90 -9.68 -17.43 -0.90
C ALA B 90 -8.64 -17.11 -1.96
N ASP B 91 -8.89 -16.07 -2.75
CA ASP B 91 -7.92 -15.58 -3.72
C ASP B 91 -7.20 -14.36 -3.16
N TYR B 92 -5.90 -14.27 -3.43
CA TYR B 92 -5.11 -13.16 -2.93
C TYR B 92 -4.38 -12.51 -4.10
N PHE B 93 -4.44 -11.19 -4.19
CA PHE B 93 -3.75 -10.50 -5.27
C PHE B 93 -3.09 -9.22 -4.76
N CYS B 94 -2.09 -8.77 -5.52
CA CYS B 94 -1.27 -7.62 -5.18
C CYS B 94 -1.93 -6.35 -5.72
N GLU B 95 -1.16 -5.26 -5.74
CA GLU B 95 -1.57 -4.00 -6.35
C GLU B 95 -0.34 -3.12 -6.43
N GLN B 96 -0.41 -2.10 -7.27
CA GLN B 96 0.64 -1.10 -7.33
C GLN B 96 0.05 0.20 -7.86
N TYR B 97 0.47 1.32 -7.27
CA TYR B 97 0.00 2.61 -7.74
C TYR B 97 1.13 3.63 -7.81
N SER B 98 2.39 3.17 -7.91
CA SER B 98 3.50 4.10 -8.10
C SER B 98 3.38 4.81 -9.45
N SER B 99 3.22 4.05 -10.52
CA SER B 99 2.82 4.61 -11.81
C SER B 99 1.31 4.51 -11.93
N TYR B 100 0.74 5.26 -12.86
CA TYR B 100 -0.71 5.31 -12.82
C TYR B 100 -1.43 4.12 -13.45
N PRO B 101 -0.95 3.52 -14.54
CA PRO B 101 -1.63 2.29 -14.99
C PRO B 101 -1.53 1.24 -13.92
N LEU B 102 -2.64 0.95 -13.26
CA LEU B 102 -2.62 0.05 -12.11
C LEU B 102 -2.44 -1.39 -12.57
N THR B 103 -1.63 -2.12 -11.84
CA THR B 103 -1.32 -3.51 -12.15
C THR B 103 -1.62 -4.35 -10.94
N PHE B 104 -2.42 -5.40 -11.12
CA PHE B 104 -2.73 -6.37 -10.09
C PHE B 104 -1.98 -7.66 -10.37
N GLY B 105 -1.71 -8.42 -9.32
CA GLY B 105 -1.16 -9.75 -9.51
C GLY B 105 -2.16 -10.69 -10.14
N ALA B 106 -1.63 -11.76 -10.73
CA ALA B 106 -2.49 -12.75 -11.38
C ALA B 106 -3.43 -13.40 -10.38
N GLY B 107 -2.94 -13.73 -9.19
CA GLY B 107 -3.77 -14.29 -8.15
C GLY B 107 -3.28 -15.63 -7.65
N THR B 108 -3.38 -15.87 -6.36
CA THR B 108 -3.04 -17.15 -5.75
C THR B 108 -4.24 -17.66 -4.95
N LYS B 109 -4.64 -18.88 -5.24
CA LYS B 109 -5.80 -19.50 -4.59
C LYS B 109 -5.31 -20.55 -3.60
N LEU B 110 -5.83 -20.49 -2.38
CA LEU B 110 -5.47 -21.44 -1.35
C LEU B 110 -6.44 -22.60 -1.33
N GLU B 111 -5.91 -23.81 -1.22
CA GLU B 111 -6.72 -25.02 -1.21
C GLU B 111 -6.25 -25.94 -0.10
N LEU B 112 -7.16 -26.79 0.37
CA LEU B 112 -6.83 -27.73 1.42
C LEU B 112 -6.04 -28.91 0.86
N LYS B 113 -5.39 -29.65 1.75
CA LYS B 113 -4.57 -30.79 1.39
C LYS B 113 -5.09 -32.03 2.11
N ARG B 114 -5.04 -33.17 1.43
CA ARG B 114 -5.54 -34.41 2.00
C ARG B 114 -4.78 -35.59 1.38
N ALA B 115 -5.19 -36.79 1.78
CA ALA B 115 -4.60 -38.00 1.23
C ALA B 115 -5.04 -38.20 -0.22
N ASP B 116 -4.14 -38.74 -1.03
CA ASP B 116 -4.41 -38.94 -2.45
C ASP B 116 -5.51 -39.98 -2.66
N ALA B 117 -6.27 -39.79 -3.74
CA ALA B 117 -7.37 -40.67 -4.10
C ALA B 117 -7.22 -41.10 -5.55
N ALA B 118 -8.17 -41.88 -6.04
CA ALA B 118 -8.18 -42.34 -7.41
C ALA B 118 -9.54 -42.07 -8.04
N PRO B 119 -9.57 -41.63 -9.30
CA PRO B 119 -10.85 -41.32 -9.93
C PRO B 119 -11.74 -42.54 -10.04
N THR B 120 -13.05 -42.32 -9.91
CA THR B 120 -14.05 -43.36 -10.16
C THR B 120 -14.64 -43.13 -11.54
N VAL B 121 -13.93 -43.63 -12.55
CA VAL B 121 -14.28 -43.36 -13.94
C VAL B 121 -15.50 -44.18 -14.33
N SER B 122 -16.53 -43.51 -14.82
CA SER B 122 -17.73 -44.15 -15.34
C SER B 122 -18.08 -43.57 -16.70
N ILE B 123 -18.58 -44.41 -17.59
CA ILE B 123 -18.84 -44.02 -18.97
C ILE B 123 -20.30 -44.33 -19.30
N PHE B 124 -20.99 -43.34 -19.88
CA PHE B 124 -22.40 -43.43 -20.21
C PHE B 124 -22.59 -43.24 -21.72
N PRO B 125 -23.19 -44.20 -22.41
CA PRO B 125 -23.45 -44.05 -23.83
C PRO B 125 -24.66 -43.15 -24.07
N PRO B 126 -24.86 -42.69 -25.31
CA PRO B 126 -26.01 -41.81 -25.58
C PRO B 126 -27.33 -42.51 -25.32
N SER B 127 -28.29 -41.72 -24.83
CA SER B 127 -29.61 -42.23 -24.51
C SER B 127 -30.46 -42.34 -25.77
N SER B 128 -31.67 -42.88 -25.61
CA SER B 128 -32.55 -43.06 -26.76
C SER B 128 -33.02 -41.73 -27.33
N GLU B 129 -33.32 -40.75 -26.46
CA GLU B 129 -33.82 -39.47 -26.92
C GLU B 129 -32.79 -38.75 -27.78
N GLN B 130 -31.52 -38.81 -27.39
CA GLN B 130 -30.47 -38.22 -28.21
C GLN B 130 -30.43 -38.86 -29.60
N LEU B 131 -30.54 -40.18 -29.66
CA LEU B 131 -30.52 -40.87 -30.95
C LEU B 131 -31.71 -40.47 -31.80
N THR B 132 -32.89 -40.32 -31.18
CA THR B 132 -34.06 -39.88 -31.94
C THR B 132 -33.87 -38.45 -32.46
N SER B 133 -33.29 -37.56 -31.64
CA SER B 133 -33.12 -36.18 -32.05
C SER B 133 -32.16 -36.07 -33.24
N GLY B 134 -31.08 -36.84 -33.22
CA GLY B 134 -30.14 -36.84 -34.33
C GLY B 134 -28.69 -36.57 -33.95
N GLY B 135 -28.37 -36.74 -32.67
CA GLY B 135 -27.00 -36.55 -32.22
C GLY B 135 -26.67 -37.52 -31.11
N ALA B 136 -25.38 -37.84 -30.98
CA ALA B 136 -24.92 -38.77 -29.98
C ALA B 136 -23.92 -38.09 -29.05
N SER B 137 -24.07 -38.31 -27.75
CA SER B 137 -23.13 -37.81 -26.77
C SER B 137 -22.70 -38.96 -25.87
N VAL B 138 -21.40 -39.10 -25.68
CA VAL B 138 -20.83 -40.09 -24.77
C VAL B 138 -20.20 -39.33 -23.61
N VAL B 139 -20.59 -39.67 -22.38
CA VAL B 139 -20.19 -38.89 -21.22
C VAL B 139 -19.30 -39.75 -20.33
N CYS B 140 -18.34 -39.10 -19.66
CA CYS B 140 -17.41 -39.78 -18.79
C CYS B 140 -17.24 -38.96 -17.53
N PHE B 141 -17.58 -39.55 -16.38
CA PHE B 141 -17.49 -38.90 -15.09
C PHE B 141 -16.29 -39.45 -14.33
N LEU B 142 -15.41 -38.58 -13.86
CA LEU B 142 -14.23 -38.95 -13.10
C LEU B 142 -14.34 -38.24 -11.75
N ASN B 143 -14.76 -38.97 -10.72
CA ASN B 143 -15.10 -38.39 -9.44
C ASN B 143 -14.07 -38.76 -8.37
N ASN B 144 -13.94 -37.89 -7.37
CA ASN B 144 -13.25 -38.20 -6.12
C ASN B 144 -11.78 -38.54 -6.33
N PHE B 145 -11.05 -37.58 -6.88
CA PHE B 145 -9.59 -37.65 -6.93
C PHE B 145 -9.05 -36.36 -6.34
N TYR B 146 -8.07 -36.46 -5.41
CA TYR B 146 -7.59 -35.24 -4.77
C TYR B 146 -6.73 -34.40 -5.70
N PRO B 147 -5.55 -34.84 -6.14
CA PRO B 147 -4.66 -33.90 -6.85
C PRO B 147 -5.32 -33.42 -8.14
N LYS B 148 -5.44 -32.10 -8.25
CA LYS B 148 -6.32 -31.52 -9.26
C LYS B 148 -5.88 -31.81 -10.69
N ASP B 149 -4.65 -32.25 -10.89
CA ASP B 149 -4.12 -32.50 -12.23
C ASP B 149 -4.53 -33.89 -12.69
N ILE B 150 -5.23 -33.96 -13.81
CA ILE B 150 -5.63 -35.23 -14.41
C ILE B 150 -5.76 -35.03 -15.92
N ASN B 151 -5.37 -36.06 -16.68
CA ASN B 151 -5.48 -36.02 -18.13
C ASN B 151 -6.48 -37.05 -18.61
N VAL B 152 -7.30 -36.67 -19.59
CA VAL B 152 -8.35 -37.54 -20.11
C VAL B 152 -8.16 -37.69 -21.62
N LYS B 153 -8.29 -38.91 -22.10
CA LYS B 153 -8.15 -39.23 -23.51
C LYS B 153 -9.34 -40.05 -23.97
N TRP B 154 -9.83 -39.75 -25.17
CA TRP B 154 -10.96 -40.45 -25.76
C TRP B 154 -10.48 -41.29 -26.93
N LYS B 155 -10.91 -42.54 -26.98
CA LYS B 155 -10.53 -43.47 -28.04
C LYS B 155 -11.79 -43.95 -28.74
N ILE B 156 -11.96 -43.53 -30.00
CA ILE B 156 -13.04 -43.99 -30.85
C ILE B 156 -12.47 -45.08 -31.75
N ASP B 157 -12.64 -46.34 -31.33
CA ASP B 157 -12.04 -47.49 -32.01
C ASP B 157 -10.52 -47.33 -32.12
N GLY B 158 -9.91 -46.76 -31.08
CA GLY B 158 -8.48 -46.57 -31.05
C GLY B 158 -7.95 -45.43 -31.89
N SER B 159 -8.82 -44.55 -32.39
CA SER B 159 -8.39 -43.46 -33.26
C SER B 159 -7.95 -42.22 -32.51
N GLU B 160 -8.22 -42.14 -31.20
CA GLU B 160 -7.80 -41.02 -30.35
C GLU B 160 -8.38 -39.72 -30.93
N ARG B 161 -9.71 -39.61 -30.81
CA ARG B 161 -10.39 -38.42 -31.26
C ARG B 161 -10.05 -37.23 -30.37
N GLN B 162 -10.06 -36.04 -30.97
CA GLN B 162 -9.62 -34.84 -30.26
C GLN B 162 -10.69 -33.77 -30.34
N ASN B 163 -11.41 -33.71 -31.46
CA ASN B 163 -12.41 -32.67 -31.67
C ASN B 163 -13.74 -33.04 -31.03
N GLY B 164 -14.45 -32.01 -30.57
CA GLY B 164 -15.77 -32.22 -30.00
C GLY B 164 -15.78 -32.62 -28.54
N VAL B 165 -14.67 -32.47 -27.84
CA VAL B 165 -14.55 -32.89 -26.44
C VAL B 165 -14.73 -31.68 -25.54
N LEU B 166 -15.69 -31.76 -24.62
CA LEU B 166 -15.96 -30.70 -23.66
C LEU B 166 -15.62 -31.18 -22.26
N ASN B 167 -14.87 -30.38 -21.52
CA ASN B 167 -14.43 -30.75 -20.18
C ASN B 167 -14.93 -29.72 -19.16
N SER B 168 -15.51 -30.22 -18.08
CA SER B 168 -15.96 -29.38 -16.97
C SER B 168 -15.32 -29.89 -15.68
N TRP B 169 -14.74 -28.99 -14.91
CA TRP B 169 -14.03 -29.33 -13.68
C TRP B 169 -14.75 -28.71 -12.50
N THR B 170 -14.97 -29.50 -11.46
CA THR B 170 -15.62 -29.01 -10.25
C THR B 170 -14.59 -28.42 -9.31
N ASP B 171 -15.03 -27.44 -8.52
CA ASP B 171 -14.19 -26.89 -7.47
C ASP B 171 -13.98 -27.94 -6.38
N GLN B 172 -13.05 -27.65 -5.47
CA GLN B 172 -12.75 -28.59 -4.40
C GLN B 172 -13.96 -28.77 -3.50
N ASP B 173 -14.28 -30.02 -3.22
CA ASP B 173 -15.45 -30.33 -2.41
C ASP B 173 -15.29 -29.80 -1.00
N SER B 174 -16.39 -29.35 -0.40
CA SER B 174 -16.33 -28.83 0.96
C SER B 174 -16.19 -29.95 1.98
N LYS B 175 -16.94 -31.04 1.80
CA LYS B 175 -16.90 -32.14 2.77
C LYS B 175 -15.64 -32.98 2.64
N ASP B 176 -15.23 -33.30 1.41
CA ASP B 176 -14.16 -34.26 1.19
C ASP B 176 -12.85 -33.65 0.75
N SER B 177 -12.84 -32.41 0.31
CA SER B 177 -11.65 -31.75 -0.23
C SER B 177 -11.12 -32.46 -1.48
N THR B 178 -12.00 -33.15 -2.20
CA THR B 178 -11.66 -33.85 -3.43
C THR B 178 -12.31 -33.17 -4.63
N TYR B 179 -11.95 -33.63 -5.82
CA TYR B 179 -12.33 -32.97 -7.06
C TYR B 179 -13.23 -33.88 -7.91
N SER B 180 -13.59 -33.37 -9.08
CA SER B 180 -14.38 -34.14 -10.04
C SER B 180 -14.29 -33.49 -11.40
N MET B 181 -14.52 -34.30 -12.43
CA MET B 181 -14.42 -33.85 -13.81
C MET B 181 -15.43 -34.60 -14.66
N SER B 182 -15.89 -33.93 -15.72
CA SER B 182 -16.83 -34.50 -16.67
C SER B 182 -16.34 -34.21 -18.08
N SER B 183 -16.28 -35.25 -18.91
CA SER B 183 -15.81 -35.13 -20.29
C SER B 183 -16.88 -35.67 -21.22
N THR B 184 -17.31 -34.84 -22.16
CA THR B 184 -18.38 -35.19 -23.09
C THR B 184 -17.84 -35.16 -24.51
N LEU B 185 -18.10 -36.23 -25.27
CA LEU B 185 -17.74 -36.30 -26.68
C LEU B 185 -19.00 -36.39 -27.51
N THR B 186 -19.18 -35.45 -28.44
CA THR B 186 -20.40 -35.34 -29.22
C THR B 186 -20.13 -35.62 -30.69
N LEU B 187 -21.07 -36.31 -31.32
CA LEU B 187 -20.94 -36.70 -32.72
C LEU B 187 -22.32 -36.68 -33.37
N THR B 188 -22.31 -36.72 -34.70
CA THR B 188 -23.56 -36.90 -35.44
C THR B 188 -24.08 -38.32 -35.25
N LYS B 189 -25.36 -38.51 -35.58
CA LYS B 189 -25.97 -39.83 -35.44
C LYS B 189 -25.31 -40.85 -36.34
N ASP B 190 -24.98 -40.46 -37.57
CA ASP B 190 -24.38 -41.41 -38.51
C ASP B 190 -23.01 -41.87 -38.06
N GLU B 191 -22.18 -40.96 -37.56
CA GLU B 191 -20.82 -41.32 -37.17
C GLU B 191 -20.82 -42.29 -35.99
N TYR B 192 -21.72 -42.07 -35.02
CA TYR B 192 -21.79 -42.97 -33.87
C TYR B 192 -22.18 -44.37 -34.28
N GLU B 193 -23.13 -44.51 -35.22
CA GLU B 193 -23.55 -45.82 -35.69
C GLU B 193 -22.47 -46.52 -36.52
N ARG B 194 -21.41 -45.80 -36.92
CA ARG B 194 -20.38 -46.40 -37.75
C ARG B 194 -19.38 -47.19 -36.92
N HIS B 195 -18.88 -46.59 -35.84
CA HIS B 195 -17.85 -47.24 -35.04
C HIS B 195 -18.47 -48.29 -34.11
N ASN B 196 -17.60 -49.03 -33.43
CA ASN B 196 -18.01 -50.18 -32.62
C ASN B 196 -17.71 -50.00 -31.14
N SER B 197 -16.46 -49.68 -30.79
CA SER B 197 -16.04 -49.61 -29.39
C SER B 197 -15.56 -48.22 -29.04
N TYR B 198 -15.90 -47.77 -27.83
CA TYR B 198 -15.53 -46.44 -27.35
C TYR B 198 -14.86 -46.57 -25.99
N THR B 199 -13.88 -45.71 -25.74
CA THR B 199 -13.06 -45.80 -24.54
C THR B 199 -12.78 -44.42 -23.98
N CYS B 200 -12.92 -44.28 -22.67
CA CYS B 200 -12.52 -43.08 -21.95
C CYS B 200 -11.43 -43.48 -20.97
N GLU B 201 -10.24 -42.89 -21.11
CA GLU B 201 -9.11 -43.28 -20.29
C GLU B 201 -8.54 -42.07 -19.58
N ALA B 202 -7.96 -42.31 -18.41
CA ALA B 202 -7.46 -41.24 -17.56
C ALA B 202 -6.04 -41.55 -17.10
N THR B 203 -5.22 -40.51 -17.03
CA THR B 203 -3.89 -40.57 -16.44
C THR B 203 -3.85 -39.64 -15.25
N HIS B 204 -3.45 -40.19 -14.10
CA HIS B 204 -3.47 -39.50 -12.82
C HIS B 204 -2.21 -39.82 -12.04
N LYS B 205 -1.97 -39.03 -10.98
CA LYS B 205 -0.78 -39.18 -10.15
C LYS B 205 -0.82 -40.41 -9.25
N THR B 206 -1.97 -41.06 -9.11
CA THR B 206 -2.10 -42.21 -8.22
C THR B 206 -1.97 -43.55 -8.92
N SER B 207 -1.65 -43.56 -10.21
CA SER B 207 -1.53 -44.83 -10.93
C SER B 207 -0.72 -44.60 -12.20
N THR B 208 0.27 -45.47 -12.43
CA THR B 208 1.03 -45.39 -13.67
C THR B 208 0.17 -45.82 -14.86
N SER B 209 -0.49 -46.95 -14.73
CA SER B 209 -1.36 -47.43 -15.81
C SER B 209 -2.62 -46.57 -15.87
N PRO B 210 -3.04 -46.15 -17.07
CA PRO B 210 -4.27 -45.36 -17.18
C PRO B 210 -5.48 -46.16 -16.77
N ILE B 211 -6.48 -45.46 -16.22
CA ILE B 211 -7.75 -46.05 -15.85
C ILE B 211 -8.67 -45.95 -17.06
N VAL B 212 -9.10 -47.11 -17.58
CA VAL B 212 -9.86 -47.18 -18.82
C VAL B 212 -11.27 -47.66 -18.51
N LYS B 213 -12.25 -47.02 -19.14
CA LYS B 213 -13.63 -47.50 -19.13
C LYS B 213 -14.11 -47.53 -20.57
N SER B 214 -14.48 -48.72 -21.05
CA SER B 214 -14.82 -48.92 -22.45
C SER B 214 -16.19 -49.57 -22.56
N PHE B 215 -16.88 -49.26 -23.66
CA PHE B 215 -18.17 -49.87 -23.93
C PHE B 215 -18.32 -50.14 -25.42
N ASN B 216 -19.09 -51.17 -25.74
CA ASN B 216 -19.33 -51.60 -27.10
C ASN B 216 -20.70 -51.13 -27.56
N ARG B 217 -20.78 -50.69 -28.81
CA ARG B 217 -22.05 -50.13 -29.33
C ARG B 217 -23.15 -51.18 -29.34
N ASN B 218 -22.84 -52.40 -29.76
CA ASN B 218 -23.81 -53.48 -29.85
C ASN B 218 -23.65 -54.50 -28.72
N GLU B 219 -23.29 -54.04 -27.53
CA GLU B 219 -23.12 -54.93 -26.38
C GLU B 219 -24.46 -55.42 -25.86
N ALA C 7 4.36 19.81 -11.98
CA ALA C 7 4.55 21.06 -12.69
C ALA C 7 3.23 21.60 -13.20
N LEU C 8 2.54 20.80 -14.01
CA LEU C 8 1.24 21.20 -14.53
C LEU C 8 0.22 21.29 -13.40
N VAL C 9 -0.66 22.30 -13.48
CA VAL C 9 -1.70 22.45 -12.48
C VAL C 9 -2.68 21.27 -12.53
N ARG C 10 -2.94 20.74 -13.73
CA ARG C 10 -3.89 19.64 -13.86
C ARG C 10 -3.30 18.33 -13.35
N TRP C 11 -1.99 18.17 -13.38
CA TRP C 11 -1.39 16.90 -12.97
C TRP C 11 -1.67 16.59 -11.51
N LEU C 12 -1.85 17.61 -10.68
CA LEU C 12 -2.20 17.38 -9.28
C LEU C 12 -3.66 16.97 -9.12
N GLN C 13 -4.55 17.46 -9.99
CA GLN C 13 -5.97 17.20 -9.83
C GLN C 13 -6.30 15.75 -10.14
N GLU C 14 -5.80 15.22 -11.25
CA GLU C 14 -6.08 13.84 -11.65
C GLU C 14 -4.87 12.97 -11.33
N SER C 15 -4.77 12.57 -10.07
CA SER C 15 -3.72 11.67 -9.62
C SER C 15 -4.00 11.24 -8.19
N ARG C 16 -3.59 10.01 -7.86
CA ARG C 16 -3.56 9.60 -6.48
C ARG C 16 -2.51 10.38 -5.72
N ARG C 17 -2.86 10.83 -4.52
CA ARG C 17 -1.90 11.52 -3.67
C ARG C 17 -0.96 10.47 -3.08
N SER C 18 0.34 10.65 -3.31
CA SER C 18 1.30 9.55 -3.23
C SER C 18 2.13 9.55 -1.96
N ARG C 19 1.65 10.20 -0.90
CA ARG C 19 2.31 10.19 0.40
C ARG C 19 3.65 10.91 0.35
N LYS C 20 4.07 11.33 -0.83
CA LYS C 20 5.21 12.22 -0.97
C LYS C 20 4.83 13.67 -0.78
N LEU C 21 3.53 13.98 -0.80
CA LEU C 21 3.09 15.33 -0.49
C LEU C 21 3.27 15.64 0.99
N ILE C 22 3.13 14.63 1.86
CA ILE C 22 3.42 14.83 3.28
C ILE C 22 4.91 15.15 3.47
N LEU C 23 5.78 14.42 2.77
CA LEU C 23 7.20 14.71 2.84
C LEU C 23 7.50 16.11 2.29
N PHE C 24 6.82 16.50 1.21
CA PHE C 24 7.01 17.84 0.67
C PHE C 24 6.58 18.89 1.68
N ILE C 25 5.47 18.67 2.37
CA ILE C 25 4.99 19.62 3.37
C ILE C 25 5.98 19.74 4.52
N VAL C 26 6.50 18.61 5.00
CA VAL C 26 7.48 18.65 6.09
C VAL C 26 8.73 19.40 5.66
N PHE C 27 9.23 19.10 4.45
CA PHE C 27 10.41 19.77 3.93
C PHE C 27 10.17 21.28 3.86
N LEU C 28 9.03 21.68 3.31
CA LEU C 28 8.73 23.10 3.16
C LEU C 28 8.59 23.80 4.51
N ALA C 29 7.94 23.15 5.48
CA ALA C 29 7.78 23.75 6.80
C ALA C 29 9.13 23.96 7.46
N LEU C 30 10.00 22.94 7.41
CA LEU C 30 11.33 23.08 7.98
C LEU C 30 12.12 24.19 7.27
N LEU C 31 12.04 24.23 5.94
CA LEU C 31 12.78 25.21 5.16
C LEU C 31 12.34 26.63 5.53
N LEU C 32 11.04 26.86 5.66
CA LEU C 32 10.57 28.21 5.98
C LEU C 32 10.86 28.57 7.42
N ASP C 33 10.75 27.60 8.35
CA ASP C 33 11.08 27.88 9.75
C ASP C 33 12.55 28.25 9.90
N ASN C 34 13.43 27.62 9.12
CA ASN C 34 14.85 27.94 9.22
C ASN C 34 15.25 29.13 8.36
N MET C 35 14.45 29.49 7.36
CA MET C 35 14.71 30.71 6.62
C MET C 35 14.30 31.94 7.41
N LEU C 36 13.22 31.85 8.18
CA LEU C 36 12.85 32.95 9.06
C LEU C 36 13.80 33.06 10.24
N LEU C 37 14.37 31.94 10.68
CA LEU C 37 15.27 31.94 11.83
C LEU C 37 16.54 32.74 11.55
N THR C 38 17.12 32.56 10.36
CA THR C 38 18.41 33.13 10.03
C THR C 38 18.32 34.42 9.22
N VAL C 39 17.13 34.76 8.69
CA VAL C 39 17.01 35.96 7.88
C VAL C 39 17.30 37.23 8.67
N VAL C 40 17.16 37.17 10.01
CA VAL C 40 17.41 38.35 10.84
C VAL C 40 18.89 38.59 11.09
N VAL C 41 19.77 37.73 10.61
CA VAL C 41 21.20 37.89 10.87
C VAL C 41 21.75 39.19 10.31
N PRO C 42 21.48 39.57 9.06
CA PRO C 42 21.97 40.88 8.58
C PRO C 42 21.32 42.07 9.25
N ILE C 43 20.25 41.88 10.01
CA ILE C 43 19.51 42.97 10.62
C ILE C 43 19.76 43.11 12.11
N ILE C 44 20.41 42.13 12.75
CA ILE C 44 20.69 42.23 14.18
C ILE C 44 21.60 43.41 14.52
N PRO C 45 22.72 43.64 13.82
CA PRO C 45 23.60 44.75 14.23
C PRO C 45 22.95 46.11 14.17
N SER C 46 21.85 46.26 13.44
CA SER C 46 21.08 47.50 13.51
C SER C 46 20.38 47.66 14.85
N TYR C 47 20.16 46.56 15.58
CA TYR C 47 19.49 46.57 16.87
C TYR C 47 20.43 46.35 18.03
N LEU C 48 21.75 46.30 17.78
CA LEU C 48 22.76 45.98 18.78
C LEU C 48 22.54 44.59 19.37
N LEU C 125 23.75 45.55 28.25
CA LEU C 125 24.86 44.64 28.49
C LEU C 125 25.80 44.61 27.29
N ASN C 126 26.69 43.62 27.27
CA ASN C 126 27.67 43.52 26.19
C ASN C 126 27.00 43.23 24.86
N GLU C 127 27.65 43.65 23.78
CA GLU C 127 27.08 43.42 22.45
C GLU C 127 27.00 41.95 22.08
N ASN C 128 27.77 41.10 22.76
CA ASN C 128 27.67 39.65 22.56
C ASN C 128 26.83 38.97 23.63
N VAL C 129 26.29 39.73 24.58
CA VAL C 129 25.29 39.20 25.49
C VAL C 129 23.89 39.39 24.93
N GLN C 130 23.64 40.54 24.29
CA GLN C 130 22.36 40.73 23.61
C GLN C 130 22.18 39.73 22.48
N VAL C 131 23.25 39.49 21.70
CA VAL C 131 23.18 38.48 20.65
C VAL C 131 23.02 37.09 21.24
N GLY C 132 23.64 36.84 22.39
CA GLY C 132 23.44 35.57 23.05
C GLY C 132 22.00 35.34 23.48
N LEU C 133 21.28 36.40 23.82
CA LEU C 133 19.88 36.30 24.19
C LEU C 133 18.97 36.09 22.98
N LEU C 134 19.47 36.27 21.77
CA LEU C 134 18.67 36.02 20.58
C LEU C 134 18.76 34.59 20.12
N PHE C 135 19.88 33.91 20.40
CA PHE C 135 19.98 32.49 20.10
C PHE C 135 19.23 31.65 21.13
N ALA C 136 19.18 32.11 22.38
CA ALA C 136 18.63 31.34 23.48
C ALA C 136 17.14 31.54 23.68
N SER C 137 16.61 32.71 23.33
CA SER C 137 15.19 33.00 23.60
C SER C 137 14.29 32.04 22.83
N LYS C 138 14.60 31.78 21.56
CA LYS C 138 13.77 30.86 20.78
C LYS C 138 14.01 29.41 21.19
N ALA C 139 15.26 29.03 21.40
CA ALA C 139 15.58 27.63 21.69
C ALA C 139 15.04 27.21 23.04
N THR C 140 15.09 28.09 24.05
CA THR C 140 14.55 27.73 25.36
C THR C 140 13.07 27.44 25.28
N VAL C 141 12.32 28.30 24.58
CA VAL C 141 10.87 28.11 24.50
C VAL C 141 10.53 26.89 23.67
N GLN C 142 11.28 26.63 22.60
CA GLN C 142 11.05 25.42 21.83
C GLN C 142 11.31 24.18 22.65
N LEU C 143 12.39 24.18 23.43
CA LEU C 143 12.72 23.06 24.29
C LEU C 143 11.65 22.84 25.36
N ILE C 144 11.12 23.92 25.91
CA ILE C 144 10.06 23.80 26.92
C ILE C 144 8.78 23.27 26.28
N THR C 145 8.48 23.70 25.06
CA THR C 145 7.20 23.35 24.45
C THR C 145 7.18 21.92 23.91
N ASN C 146 8.32 21.40 23.45
CA ASN C 146 8.34 20.11 22.76
C ASN C 146 7.61 18.97 23.48
N PRO C 147 7.80 18.74 24.78
CA PRO C 147 7.07 17.62 25.42
C PRO C 147 5.56 17.75 25.30
N PHE C 148 5.04 18.98 25.39
CA PHE C 148 3.59 19.17 25.32
C PHE C 148 3.06 18.79 23.95
N ILE C 149 3.78 19.16 22.88
CA ILE C 149 3.35 18.77 21.55
C ILE C 149 3.46 17.27 21.36
N GLY C 150 4.51 16.66 21.92
CA GLY C 150 4.63 15.21 21.85
C GLY C 150 3.45 14.50 22.48
N LEU C 151 3.00 14.97 23.65
CA LEU C 151 1.82 14.38 24.26
C LEU C 151 0.53 14.74 23.52
N LEU C 152 0.49 15.93 22.91
CA LEU C 152 -0.74 16.43 22.30
C LEU C 152 -1.05 15.71 20.99
N THR C 153 -0.02 15.39 20.20
CA THR C 153 -0.26 14.68 18.95
C THR C 153 -0.88 13.31 19.18
N ASN C 154 -0.78 12.77 20.40
CA ASN C 154 -1.42 11.50 20.71
C ASN C 154 -2.93 11.64 20.80
N ARG C 155 -3.41 12.71 21.42
CA ARG C 155 -4.83 12.91 21.65
C ARG C 155 -5.51 13.75 20.57
N ILE C 156 -4.76 14.33 19.64
CA ILE C 156 -5.37 15.17 18.61
C ILE C 156 -4.95 14.70 17.21
N GLY C 157 -3.78 14.07 17.11
CA GLY C 157 -3.21 13.76 15.83
C GLY C 157 -2.28 14.86 15.33
N TYR C 158 -1.61 14.58 14.23
CA TYR C 158 -0.55 15.45 13.72
C TYR C 158 -1.05 16.65 12.91
N PRO C 159 -2.07 16.54 12.05
CA PRO C 159 -2.43 17.67 11.19
C PRO C 159 -2.73 18.98 11.91
N ILE C 160 -3.39 18.94 13.07
CA ILE C 160 -3.72 20.18 13.77
C ILE C 160 -2.46 20.88 14.27
N PRO C 161 -1.52 20.21 14.94
CA PRO C 161 -0.25 20.88 15.25
C PRO C 161 0.54 21.32 14.03
N ILE C 162 0.49 20.55 12.95
CA ILE C 162 1.21 20.94 11.74
C ILE C 162 0.64 22.26 11.20
N PHE C 163 -0.68 22.40 11.19
CA PHE C 163 -1.30 23.65 10.75
C PHE C 163 -1.01 24.78 11.73
N ALA C 164 -0.99 24.48 13.03
CA ALA C 164 -0.69 25.52 14.01
C ALA C 164 0.73 26.04 13.83
N GLY C 165 1.64 25.20 13.35
CA GLY C 165 2.98 25.69 13.05
C GLY C 165 2.98 26.82 12.03
N PHE C 166 2.25 26.62 10.93
CA PHE C 166 2.12 27.68 9.92
C PHE C 166 1.39 28.89 10.50
N CYS C 167 0.33 28.65 11.26
CA CYS C 167 -0.46 29.75 11.80
C CYS C 167 0.33 30.61 12.78
N ILE C 168 1.37 30.05 13.39
CA ILE C 168 2.24 30.84 14.25
C ILE C 168 3.42 31.44 13.49
N MET C 169 3.90 30.74 12.45
CA MET C 169 4.97 31.28 11.62
C MET C 169 4.53 32.57 10.93
N PHE C 170 3.31 32.60 10.39
CA PHE C 170 2.85 33.80 9.71
C PHE C 170 2.78 34.99 10.66
N VAL C 171 2.24 34.78 11.87
CA VAL C 171 2.15 35.86 12.84
C VAL C 171 3.52 36.32 13.25
N SER C 172 4.47 35.39 13.41
CA SER C 172 5.83 35.77 13.76
C SER C 172 6.45 36.63 12.69
N THR C 173 6.26 36.28 11.42
CA THR C 173 6.80 37.09 10.33
C THR C 173 6.20 38.49 10.34
N ILE C 174 4.88 38.60 10.51
CA ILE C 174 4.23 39.90 10.54
C ILE C 174 4.75 40.72 11.71
N MET C 175 4.95 40.09 12.87
CA MET C 175 5.48 40.80 14.04
C MET C 175 6.90 41.28 13.79
N PHE C 176 7.71 40.46 13.11
CA PHE C 176 9.07 40.86 12.79
C PHE C 176 9.10 42.07 11.88
N ALA C 177 8.23 42.09 10.86
CA ALA C 177 8.25 43.20 9.91
C ALA C 177 7.83 44.52 10.54
N PHE C 178 7.15 44.50 11.69
CA PHE C 178 6.63 45.71 12.32
C PHE C 178 7.22 45.92 13.72
N SER C 179 8.45 45.47 13.94
CA SER C 179 9.11 45.58 15.22
C SER C 179 10.13 46.71 15.17
N SER C 180 10.11 47.57 16.19
CA SER C 180 10.91 48.79 16.19
C SER C 180 11.90 48.86 17.35
N SER C 181 12.21 47.74 17.98
CA SER C 181 13.10 47.76 19.14
C SER C 181 13.76 46.39 19.28
N TYR C 182 14.33 46.12 20.46
CA TYR C 182 14.93 44.84 20.80
C TYR C 182 13.97 43.91 21.55
N ALA C 183 13.16 44.46 22.44
CA ALA C 183 12.19 43.63 23.16
C ALA C 183 11.19 42.99 22.21
N PHE C 184 10.75 43.73 21.18
CA PHE C 184 9.86 43.14 20.19
C PHE C 184 10.56 42.05 19.39
N LEU C 185 11.85 42.21 19.14
CA LEU C 185 12.62 41.14 18.52
C LEU C 185 12.58 39.89 19.38
N LEU C 186 12.77 40.04 20.69
CA LEU C 186 12.76 38.88 21.58
C LEU C 186 11.38 38.21 21.61
N ILE C 187 10.31 39.01 21.65
CA ILE C 187 8.96 38.46 21.66
C ILE C 187 8.70 37.67 20.37
N ALA C 188 9.08 38.24 19.23
CA ALA C 188 8.88 37.55 17.96
C ALA C 188 9.71 36.26 17.90
N ARG C 189 10.92 36.28 18.48
CA ARG C 189 11.73 35.07 18.52
C ARG C 189 11.06 33.97 19.33
N SER C 190 10.49 34.33 20.49
CA SER C 190 9.83 33.32 21.32
C SER C 190 8.60 32.73 20.63
N LEU C 191 7.79 33.59 20.01
CA LEU C 191 6.62 33.09 19.28
C LEU C 191 7.03 32.17 18.14
N GLN C 192 8.07 32.55 17.39
CA GLN C 192 8.59 31.69 16.34
C GLN C 192 9.08 30.37 16.91
N GLY C 193 9.65 30.39 18.11
CA GLY C 193 10.08 29.14 18.72
C GLY C 193 8.92 28.21 19.01
N ILE C 194 7.81 28.74 19.52
CA ILE C 194 6.63 27.92 19.74
C ILE C 194 6.16 27.29 18.43
N GLY C 195 6.02 28.12 17.39
CA GLY C 195 5.55 27.59 16.11
C GLY C 195 6.49 26.56 15.51
N SER C 196 7.80 26.81 15.63
CA SER C 196 8.79 25.88 15.10
C SER C 196 8.76 24.55 15.84
N SER C 197 8.57 24.58 17.16
CA SER C 197 8.45 23.32 17.90
C SER C 197 7.24 22.53 17.43
N CYS C 198 6.10 23.20 17.28
CA CYS C 198 4.91 22.52 16.79
C CYS C 198 5.19 21.83 15.45
N SER C 199 5.71 22.61 14.48
CA SER C 199 5.91 22.07 13.15
C SER C 199 6.91 20.92 13.16
N SER C 200 8.02 21.08 13.87
CA SER C 200 9.08 20.08 13.83
C SER C 200 8.65 18.78 14.50
N VAL C 201 8.08 18.86 15.72
CA VAL C 201 7.69 17.65 16.41
C VAL C 201 6.56 16.94 15.68
N ALA C 202 5.57 17.69 15.18
CA ALA C 202 4.45 17.05 14.50
C ALA C 202 4.76 16.67 13.06
N GLY C 203 5.88 17.10 12.49
CA GLY C 203 6.23 16.71 11.14
C GLY C 203 7.23 15.58 11.07
N MET C 204 8.24 15.60 11.95
CA MET C 204 9.15 14.47 12.04
C MET C 204 8.42 13.22 12.49
N GLY C 205 7.50 13.37 13.45
CA GLY C 205 6.74 12.26 13.98
C GLY C 205 5.63 11.75 13.10
N MET C 206 5.30 12.47 12.03
CA MET C 206 4.34 11.98 11.05
C MET C 206 5.02 11.34 9.84
N LEU C 207 6.23 11.76 9.50
CA LEU C 207 7.00 11.07 8.48
C LEU C 207 7.35 9.65 8.92
N ALA C 208 7.28 9.36 10.22
CA ALA C 208 7.55 8.02 10.71
C ALA C 208 6.30 7.17 10.81
N SER C 209 5.13 7.79 11.02
CA SER C 209 3.90 7.02 11.15
C SER C 209 3.40 6.52 9.80
N VAL C 210 3.69 7.24 8.72
CA VAL C 210 3.29 6.81 7.39
C VAL C 210 4.39 6.04 6.66
N TYR C 211 5.65 6.19 7.08
CA TYR C 211 6.78 5.45 6.51
C TYR C 211 7.31 4.52 7.59
N THR C 212 6.71 3.34 7.69
CA THR C 212 7.10 2.35 8.68
C THR C 212 8.20 1.40 8.18
N ASP C 213 8.59 1.50 6.92
CA ASP C 213 9.74 0.75 6.43
C ASP C 213 11.02 1.43 6.89
N ASP C 214 11.99 0.62 7.30
CA ASP C 214 13.23 1.18 7.85
C ASP C 214 13.98 2.00 6.81
N GLU C 215 14.24 1.42 5.64
CA GLU C 215 15.01 2.12 4.62
C GLU C 215 14.27 3.34 4.09
N GLU C 216 12.97 3.21 3.83
CA GLU C 216 12.18 4.34 3.34
C GLU C 216 12.12 5.45 4.38
N ARG C 217 11.97 5.09 5.65
CA ARG C 217 11.97 6.09 6.71
C ARG C 217 13.30 6.84 6.75
N GLY C 218 14.42 6.11 6.65
CA GLY C 218 15.70 6.77 6.61
C GLY C 218 15.82 7.73 5.44
N ASN C 219 15.41 7.30 4.25
CA ASN C 219 15.52 8.15 3.08
C ASN C 219 14.68 9.42 3.22
N VAL C 220 13.43 9.28 3.67
CA VAL C 220 12.56 10.43 3.73
C VAL C 220 13.01 11.39 4.83
N MET C 221 13.52 10.88 5.94
CA MET C 221 14.01 11.80 6.97
C MET C 221 15.31 12.49 6.55
N GLY C 222 16.17 11.82 5.79
CA GLY C 222 17.31 12.52 5.22
C GLY C 222 16.88 13.66 4.30
N ILE C 223 15.91 13.38 3.42
CA ILE C 223 15.43 14.42 2.51
C ILE C 223 14.81 15.57 3.29
N ALA C 224 14.02 15.26 4.32
CA ALA C 224 13.37 16.31 5.11
C ALA C 224 14.39 17.14 5.88
N LEU C 225 15.42 16.51 6.43
CA LEU C 225 16.46 17.26 7.13
C LEU C 225 17.31 18.07 6.17
N GLY C 226 17.32 17.73 4.88
CA GLY C 226 17.97 18.60 3.91
C GLY C 226 17.31 19.96 3.81
N GLY C 227 16.03 20.05 4.15
CA GLY C 227 15.34 21.33 4.10
C GLY C 227 15.86 22.32 5.12
N LEU C 228 16.26 21.83 6.30
CA LEU C 228 16.86 22.69 7.30
C LEU C 228 18.14 23.35 6.77
N ALA C 229 19.01 22.55 6.17
CA ALA C 229 20.24 23.08 5.59
C ALA C 229 19.95 24.04 4.45
N MET C 230 18.96 23.72 3.62
CA MET C 230 18.60 24.62 2.52
C MET C 230 18.11 25.97 3.05
N GLY C 231 17.29 25.94 4.11
CA GLY C 231 16.83 27.18 4.69
C GLY C 231 17.95 28.01 5.27
N VAL C 232 18.87 27.36 6.00
CA VAL C 232 19.99 28.10 6.58
C VAL C 232 20.89 28.66 5.50
N LEU C 233 21.06 27.92 4.40
CA LEU C 233 21.84 28.40 3.27
C LEU C 233 21.20 29.64 2.63
N VAL C 234 19.89 29.61 2.44
CA VAL C 234 19.23 30.64 1.63
C VAL C 234 18.90 31.88 2.45
N GLY C 235 18.71 31.75 3.76
CA GLY C 235 18.23 32.85 4.56
C GLY C 235 19.07 34.11 4.52
N PRO C 236 20.27 34.07 5.10
CA PRO C 236 21.07 35.29 5.28
C PRO C 236 21.36 36.03 3.98
N PRO C 237 21.71 35.35 2.87
CA PRO C 237 22.01 36.12 1.66
C PRO C 237 20.80 36.82 1.07
N PHE C 238 19.66 36.14 1.02
CA PHE C 238 18.44 36.76 0.51
C PHE C 238 18.01 37.91 1.40
N GLY C 239 18.09 37.74 2.72
CA GLY C 239 17.79 38.83 3.63
C GLY C 239 18.71 40.02 3.44
N SER C 240 20.02 39.76 3.28
CA SER C 240 20.97 40.86 3.11
C SER C 240 20.73 41.60 1.81
N VAL C 241 20.48 40.87 0.72
CA VAL C 241 20.21 41.52 -0.56
C VAL C 241 18.99 42.41 -0.46
N LEU C 242 17.91 41.89 0.11
CA LEU C 242 16.70 42.70 0.20
C LEU C 242 16.85 43.86 1.18
N TYR C 243 17.66 43.70 2.23
CA TYR C 243 17.87 44.79 3.17
C TYR C 243 18.67 45.91 2.53
N GLU C 244 19.74 45.58 1.81
CA GLU C 244 20.55 46.63 1.21
C GLU C 244 19.84 47.29 0.04
N PHE C 245 19.01 46.56 -0.68
CA PHE C 245 18.43 47.10 -1.92
C PHE C 245 17.08 47.78 -1.69
N VAL C 246 16.11 47.05 -1.12
CA VAL C 246 14.73 47.49 -1.14
C VAL C 246 14.12 47.66 0.25
N GLY C 247 14.93 48.03 1.23
CA GLY C 247 14.40 48.45 2.53
C GLY C 247 14.52 47.39 3.61
N LYS C 248 14.03 47.76 4.80
CA LYS C 248 14.17 46.92 5.98
C LYS C 248 13.00 45.99 6.22
N THR C 249 11.78 46.38 5.87
CA THR C 249 10.64 45.49 6.03
C THR C 249 10.50 44.50 4.88
N ALA C 250 11.23 44.72 3.79
CA ALA C 250 11.13 43.81 2.65
C ALA C 250 11.51 42.36 2.96
N PRO C 251 12.58 42.06 3.71
CA PRO C 251 12.93 40.64 3.92
C PRO C 251 11.83 39.82 4.56
N PHE C 252 10.84 40.46 5.18
CA PHE C 252 9.73 39.75 5.79
C PHE C 252 8.41 39.91 5.05
N LEU C 253 8.24 40.95 4.25
CA LEU C 253 7.03 41.11 3.46
C LEU C 253 7.02 40.23 2.21
N VAL C 254 8.17 39.71 1.80
CA VAL C 254 8.23 38.69 0.77
C VAL C 254 8.43 37.30 1.35
N LEU C 255 8.48 37.19 2.68
CA LEU C 255 8.51 35.90 3.35
C LEU C 255 7.16 35.49 3.91
N ALA C 256 6.26 36.45 4.14
CA ALA C 256 4.90 36.10 4.52
C ALA C 256 4.14 35.46 3.37
N ALA C 257 4.43 35.87 2.14
CA ALA C 257 3.75 35.29 0.98
C ALA C 257 4.10 33.80 0.82
N LEU C 258 5.36 33.44 1.01
CA LEU C 258 5.75 32.04 0.91
C LEU C 258 5.10 31.21 2.02
N VAL C 259 4.98 31.77 3.22
CA VAL C 259 4.29 31.09 4.31
C VAL C 259 2.81 30.90 3.96
N LEU C 260 2.21 31.90 3.33
CA LEU C 260 0.82 31.76 2.89
C LEU C 260 0.68 30.65 1.86
N LEU C 261 1.63 30.56 0.92
CA LEU C 261 1.59 29.48 -0.07
C LEU C 261 1.73 28.12 0.61
N ASP C 262 2.61 28.02 1.60
CA ASP C 262 2.75 26.77 2.33
C ASP C 262 1.47 26.41 3.05
N GLY C 263 0.79 27.40 3.63
CA GLY C 263 -0.50 27.13 4.27
C GLY C 263 -1.54 26.63 3.29
N ALA C 264 -1.57 27.23 2.09
CA ALA C 264 -2.51 26.76 1.07
C ALA C 264 -2.23 25.31 0.68
N ILE C 265 -0.95 24.97 0.51
CA ILE C 265 -0.60 23.59 0.17
C ILE C 265 -1.02 22.64 1.28
N GLN C 266 -0.76 23.03 2.54
CA GLN C 266 -1.17 22.19 3.66
C GLN C 266 -2.67 21.97 3.66
N LEU C 267 -3.44 23.02 3.40
CA LEU C 267 -4.89 22.87 3.33
C LEU C 267 -5.29 21.94 2.19
N PHE C 268 -4.54 21.96 1.09
CA PHE C 268 -4.84 21.06 -0.02
C PHE C 268 -4.62 19.61 0.38
N VAL C 269 -3.57 19.32 1.14
CA VAL C 269 -3.23 17.92 1.44
C VAL C 269 -3.89 17.44 2.72
N LEU C 270 -3.74 18.17 3.83
CA LEU C 270 -4.16 17.69 5.13
C LEU C 270 -5.61 18.05 5.42
N GLN C 271 -6.08 17.65 6.60
CA GLN C 271 -7.41 17.99 7.11
C GLN C 271 -7.29 18.50 8.53
N PRO C 272 -6.95 19.77 8.70
CA PRO C 272 -6.70 20.30 10.05
C PRO C 272 -7.96 20.68 10.80
N SER C 273 -9.12 20.20 10.34
CA SER C 273 -10.39 20.54 10.95
C SER C 273 -11.00 19.39 11.75
N ARG C 274 -10.35 18.23 11.79
CA ARG C 274 -10.90 17.06 12.45
C ARG C 274 -9.93 16.53 13.49
N VAL C 275 -10.43 16.25 14.69
CA VAL C 275 -9.63 15.65 15.75
C VAL C 275 -9.65 14.14 15.57
N GLN C 276 -8.47 13.54 15.42
CA GLN C 276 -8.32 12.12 15.12
C GLN C 276 -7.42 11.49 16.18
N PRO C 277 -7.97 11.09 17.32
CA PRO C 277 -7.15 10.49 18.38
C PRO C 277 -6.48 9.22 17.89
N GLU C 278 -5.24 9.00 18.34
CA GLU C 278 -4.50 7.81 17.96
C GLU C 278 -5.14 6.57 18.58
N SER C 279 -5.01 5.44 17.88
CA SER C 279 -5.70 4.22 18.28
C SER C 279 -5.19 3.70 19.62
N GLN C 280 -3.90 3.79 19.87
CA GLN C 280 -3.29 3.22 21.06
C GLN C 280 -2.55 4.29 21.85
N LYS C 281 -2.50 4.10 23.16
CA LYS C 281 -1.74 4.99 24.04
C LYS C 281 -0.28 4.57 24.03
N GLY C 282 0.62 5.51 23.77
CA GLY C 282 2.03 5.22 23.69
C GLY C 282 2.69 5.12 25.05
N THR C 283 3.98 4.81 25.02
CA THR C 283 4.74 4.70 26.25
C THR C 283 4.86 6.05 26.95
N PRO C 284 4.85 6.07 28.27
CA PRO C 284 4.99 7.33 28.99
C PRO C 284 6.35 7.96 28.75
N LEU C 285 6.40 9.28 28.89
CA LEU C 285 7.66 9.99 28.71
C LEU C 285 8.70 9.60 29.74
N THR C 286 8.27 9.05 30.88
CA THR C 286 9.19 8.63 31.93
C THR C 286 9.64 7.19 31.78
N THR C 287 9.20 6.49 30.74
CA THR C 287 9.70 5.15 30.41
C THR C 287 10.63 5.17 29.21
N LEU C 288 10.35 6.01 28.21
CA LEU C 288 11.31 6.20 27.13
C LEU C 288 12.62 6.75 27.64
N LEU C 289 12.55 7.71 28.57
CA LEU C 289 13.75 8.35 29.11
C LEU C 289 14.60 7.41 29.96
N LYS C 290 14.07 6.25 30.33
CA LYS C 290 14.86 5.25 31.04
C LYS C 290 15.53 4.27 30.08
N ASP C 291 15.26 4.35 28.79
CA ASP C 291 15.87 3.45 27.82
C ASP C 291 17.30 3.89 27.55
N PRO C 292 18.29 3.04 27.84
CA PRO C 292 19.67 3.42 27.49
C PRO C 292 19.87 3.65 26.00
N TYR C 293 19.20 2.88 25.16
CA TYR C 293 19.38 2.99 23.72
C TYR C 293 18.68 4.23 23.13
N ILE C 294 17.80 4.87 23.88
CA ILE C 294 17.24 6.14 23.46
C ILE C 294 18.05 7.30 24.04
N LEU C 295 18.56 7.12 25.26
CA LEU C 295 19.44 8.13 25.85
C LEU C 295 20.71 8.30 25.02
N ILE C 296 21.28 7.20 24.52
CA ILE C 296 22.49 7.31 23.71
C ILE C 296 22.21 8.04 22.41
N ALA C 297 21.12 7.69 21.72
CA ALA C 297 20.80 8.33 20.46
C ALA C 297 20.44 9.80 20.65
N ALA C 298 19.87 10.17 21.80
CA ALA C 298 19.61 11.58 22.06
C ALA C 298 20.88 12.32 22.44
N GLY C 299 21.78 11.67 23.17
CA GLY C 299 23.02 12.31 23.55
C GLY C 299 23.92 12.59 22.37
N SER C 300 23.91 11.69 21.38
CA SER C 300 24.67 11.95 20.16
C SER C 300 24.23 13.25 19.50
N ILE C 301 22.91 13.41 19.32
CA ILE C 301 22.39 14.62 18.68
C ILE C 301 22.63 15.85 19.55
N CYS C 302 22.49 15.71 20.87
CA CYS C 302 22.69 16.85 21.76
C CYS C 302 24.13 17.33 21.75
N PHE C 303 25.09 16.40 21.80
CA PHE C 303 26.49 16.78 21.85
C PHE C 303 27.03 17.21 20.50
N ALA C 304 26.48 16.68 19.41
CA ALA C 304 26.98 17.06 18.09
C ALA C 304 26.78 18.54 17.81
N ASN C 305 25.72 19.13 18.37
CA ASN C 305 25.40 20.53 18.15
C ASN C 305 25.94 21.44 19.24
N MET C 306 26.61 20.89 20.25
CA MET C 306 27.10 21.72 21.35
C MET C 306 28.34 22.51 21.00
N GLY C 307 29.04 22.15 19.92
CA GLY C 307 30.24 22.85 19.52
C GLY C 307 29.98 24.07 18.67
N ILE C 308 29.06 23.95 17.71
CA ILE C 308 28.72 25.08 16.86
C ILE C 308 27.77 26.04 17.56
N ALA C 309 27.10 25.60 18.63
CA ALA C 309 26.18 26.48 19.34
C ALA C 309 26.90 27.51 20.19
N MET C 310 28.11 27.18 20.67
CA MET C 310 28.88 28.07 21.52
C MET C 310 29.81 28.99 20.74
N LEU C 311 29.94 28.79 19.44
CA LEU C 311 30.84 29.56 18.60
C LEU C 311 30.14 30.71 17.89
N GLU C 312 28.96 30.47 17.33
CA GLU C 312 28.28 31.49 16.53
C GLU C 312 27.92 32.75 17.32
N PRO C 313 27.35 32.67 18.53
CA PRO C 313 27.12 33.91 19.28
C PRO C 313 28.37 34.72 19.54
N ALA C 314 29.51 34.06 19.77
CA ALA C 314 30.77 34.75 20.02
C ALA C 314 31.59 34.72 18.74
N LEU C 315 31.27 35.62 17.83
CA LEU C 315 31.98 35.83 16.59
C LEU C 315 32.29 37.31 16.43
N PRO C 316 33.36 37.65 15.72
CA PRO C 316 33.68 39.07 15.52
C PRO C 316 32.66 39.83 14.70
N ILE C 317 31.84 39.15 13.91
CA ILE C 317 30.97 39.84 12.96
C ILE C 317 29.87 40.62 13.67
N TRP C 318 29.38 40.10 14.79
CA TRP C 318 28.28 40.75 15.50
C TRP C 318 28.71 42.09 16.09
N MET C 319 29.93 42.17 16.62
CA MET C 319 30.34 43.30 17.44
C MET C 319 30.44 44.60 16.65
N MET C 320 30.59 44.53 15.33
CA MET C 320 30.81 45.72 14.52
C MET C 320 29.52 46.15 13.82
N GLU C 321 29.47 47.43 13.47
CA GLU C 321 28.30 48.01 12.83
C GLU C 321 28.11 47.42 11.43
N THR C 322 27.00 47.81 10.80
CA THR C 322 26.72 47.42 9.42
C THR C 322 27.37 48.39 8.44
N MET C 323 28.69 48.47 8.53
CA MET C 323 29.48 49.34 7.66
C MET C 323 30.89 48.77 7.59
N CYS C 324 31.69 49.36 6.70
CA CYS C 324 33.08 48.95 6.49
C CYS C 324 33.15 47.47 6.07
N SER C 325 32.42 47.16 4.99
CA SER C 325 32.41 45.81 4.40
C SER C 325 31.97 44.76 5.40
N ARG C 326 30.99 45.10 6.24
CA ARG C 326 30.39 44.12 7.14
C ARG C 326 29.16 43.45 6.55
N LYS C 327 28.64 43.95 5.43
CA LYS C 327 27.55 43.25 4.76
C LYS C 327 28.00 41.89 4.24
N TRP C 328 29.21 41.83 3.67
CA TRP C 328 29.71 40.58 3.11
C TRP C 328 29.96 39.55 4.19
N GLN C 329 30.45 39.98 5.36
CA GLN C 329 30.72 39.03 6.42
C GLN C 329 29.44 38.47 7.03
N LEU C 330 28.38 39.27 7.07
CA LEU C 330 27.09 38.80 7.59
C LEU C 330 26.30 38.02 6.57
N GLY C 331 26.59 38.18 5.28
CA GLY C 331 25.88 37.44 4.27
C GLY C 331 26.40 36.03 4.03
N VAL C 332 27.72 35.86 4.10
CA VAL C 332 28.36 34.59 3.77
C VAL C 332 28.88 33.87 5.00
N ALA C 333 28.48 34.30 6.19
CA ALA C 333 29.02 33.70 7.41
C ALA C 333 28.64 32.24 7.55
N PHE C 334 27.41 31.88 7.22
CA PHE C 334 26.90 30.54 7.47
C PHE C 334 26.74 29.70 6.21
N LEU C 335 27.41 30.09 5.13
CA LEU C 335 27.45 29.23 3.93
C LEU C 335 28.18 27.92 4.16
N PRO C 336 29.38 27.87 4.74
CA PRO C 336 30.10 26.58 4.80
C PRO C 336 29.36 25.52 5.60
N ALA C 337 28.89 25.86 6.80
CA ALA C 337 28.18 24.88 7.61
C ALA C 337 26.91 24.40 6.93
N SER C 338 26.18 25.31 6.30
CA SER C 338 24.93 24.93 5.64
C SER C 338 25.18 24.01 4.46
N ILE C 339 26.16 24.34 3.62
CA ILE C 339 26.46 23.49 2.46
C ILE C 339 26.92 22.12 2.92
N SER C 340 27.78 22.07 3.93
CA SER C 340 28.26 20.80 4.44
C SER C 340 27.13 19.96 5.01
N TYR C 341 26.24 20.59 5.78
CA TYR C 341 25.09 19.87 6.32
C TYR C 341 24.23 19.30 5.20
N LEU C 342 23.96 20.11 4.17
CA LEU C 342 23.15 19.65 3.06
C LEU C 342 23.77 18.44 2.38
N ILE C 343 25.06 18.53 2.05
CA ILE C 343 25.75 17.44 1.37
C ILE C 343 25.73 16.18 2.23
N GLY C 344 26.13 16.31 3.49
CA GLY C 344 26.24 15.16 4.36
C GLY C 344 24.90 14.47 4.58
N THR C 345 23.87 15.26 4.89
CA THR C 345 22.57 14.66 5.16
C THR C 345 21.99 14.02 3.90
N ASN C 346 22.15 14.65 2.74
CA ASN C 346 21.59 14.06 1.52
C ASN C 346 22.29 12.75 1.17
N ILE C 347 23.62 12.70 1.30
CA ILE C 347 24.32 11.46 1.00
C ILE C 347 23.97 10.38 2.01
N PHE C 348 23.96 10.72 3.30
CA PHE C 348 23.87 9.68 4.31
C PHE C 348 22.46 9.31 4.69
N GLY C 349 21.44 10.04 4.23
CA GLY C 349 20.09 9.54 4.37
C GLY C 349 19.90 8.21 3.68
N ILE C 350 20.58 8.03 2.54
CA ILE C 350 20.56 6.75 1.84
C ILE C 350 21.81 5.90 2.13
N LEU C 351 22.90 6.50 2.59
CA LEU C 351 24.09 5.72 2.90
C LEU C 351 24.15 5.25 4.36
N ALA C 352 23.15 5.56 5.17
CA ALA C 352 23.16 5.14 6.57
C ALA C 352 22.61 3.74 6.78
N HIS C 353 22.21 3.06 5.72
CA HIS C 353 21.72 1.69 5.84
C HIS C 353 22.61 0.68 5.14
N LYS C 354 23.34 1.09 4.10
CA LYS C 354 24.34 0.21 3.51
C LYS C 354 25.42 -0.13 4.52
N MET C 355 25.87 0.87 5.27
CA MET C 355 26.66 0.68 6.47
C MET C 355 25.82 1.15 7.66
N GLY C 356 26.05 0.54 8.81
CA GLY C 356 25.13 0.71 9.92
C GLY C 356 25.00 2.16 10.34
N ARG C 357 23.81 2.49 10.85
CA ARG C 357 23.60 3.82 11.43
C ARG C 357 24.52 4.06 12.62
N TRP C 358 24.83 3.00 13.37
CA TRP C 358 25.79 3.12 14.45
C TRP C 358 27.14 3.58 13.92
N LEU C 359 27.53 3.14 12.73
CA LEU C 359 28.81 3.56 12.17
C LEU C 359 28.79 5.01 11.72
N CYS C 360 27.68 5.46 11.13
CA CYS C 360 27.57 6.86 10.75
C CYS C 360 27.65 7.76 11.98
N ALA C 361 26.96 7.38 13.06
CA ALA C 361 27.03 8.18 14.27
C ALA C 361 28.42 8.11 14.91
N LEU C 362 29.05 6.94 14.88
CA LEU C 362 30.38 6.79 15.48
C LEU C 362 31.41 7.65 14.76
N LEU C 363 31.39 7.63 13.43
CA LEU C 363 32.34 8.42 12.66
C LEU C 363 31.88 9.86 12.47
N GLY C 364 30.62 10.16 12.77
CA GLY C 364 30.15 11.52 12.76
C GLY C 364 30.41 12.28 14.04
N MET C 365 30.85 11.59 15.09
CA MET C 365 31.17 12.23 16.35
C MET C 365 32.67 12.37 16.60
N ILE C 366 33.50 11.68 15.81
CA ILE C 366 34.93 11.94 15.88
C ILE C 366 35.31 13.10 14.97
N ILE C 367 34.61 13.26 13.85
CA ILE C 367 34.87 14.37 12.94
C ILE C 367 34.52 15.70 13.61
N VAL C 368 33.42 15.73 14.37
CA VAL C 368 33.06 16.92 15.14
C VAL C 368 34.15 17.23 16.15
N GLY C 369 34.64 16.22 16.86
CA GLY C 369 35.68 16.43 17.84
C GLY C 369 36.93 17.03 17.21
N VAL C 370 37.36 16.46 16.09
CA VAL C 370 38.57 16.94 15.45
C VAL C 370 38.38 18.37 14.93
N SER C 371 37.23 18.65 14.32
CA SER C 371 37.00 20.01 13.81
C SER C 371 36.98 21.04 14.92
N ILE C 372 36.30 20.73 16.03
CA ILE C 372 36.26 21.64 17.16
C ILE C 372 37.65 21.82 17.75
N LEU C 373 38.45 20.75 17.79
CA LEU C 373 39.81 20.88 18.29
C LEU C 373 40.65 21.77 17.39
N CYS C 374 40.43 21.69 16.08
CA CYS C 374 41.20 22.50 15.14
C CYS C 374 40.75 23.96 15.09
N ILE C 375 39.53 24.25 15.55
CA ILE C 375 39.03 25.63 15.49
C ILE C 375 39.93 26.63 16.20
N PRO C 376 40.37 26.41 17.46
CA PRO C 376 41.08 27.48 18.17
C PRO C 376 42.50 27.72 17.70
N PHE C 377 42.88 27.14 16.55
CA PHE C 377 44.16 27.39 15.94
C PHE C 377 44.06 28.38 14.78
N ALA C 378 42.97 29.13 14.71
CA ALA C 378 42.71 30.04 13.59
C ALA C 378 43.19 31.45 13.97
N LYS C 379 44.12 31.98 13.17
CA LYS C 379 44.63 33.33 13.42
C LYS C 379 43.56 34.39 13.15
N ASN C 380 42.88 34.30 12.02
CA ASN C 380 41.89 35.29 11.63
C ASN C 380 40.55 34.64 11.32
N ILE C 381 39.62 35.40 10.78
CA ILE C 381 38.29 34.86 10.51
C ILE C 381 38.34 33.77 9.45
N TYR C 382 39.21 33.93 8.44
CA TYR C 382 39.30 32.94 7.38
C TYR C 382 39.67 31.56 7.91
N GLY C 383 40.41 31.52 9.02
CA GLY C 383 40.77 30.24 9.61
C GLY C 383 39.59 29.42 10.09
N LEU C 384 38.42 30.03 10.21
CA LEU C 384 37.21 29.32 10.60
C LEU C 384 36.39 28.85 9.38
N ILE C 385 36.92 29.02 8.17
CA ILE C 385 36.19 28.58 6.99
C ILE C 385 36.25 27.06 6.86
N ALA C 386 37.42 26.47 7.05
CA ALA C 386 37.63 25.05 6.79
C ALA C 386 37.09 24.17 7.92
N PRO C 387 37.33 24.47 9.20
CA PRO C 387 36.68 23.66 10.24
C PRO C 387 35.18 23.72 10.20
N ASN C 388 34.60 24.91 10.02
CA ASN C 388 33.15 25.05 9.95
C ASN C 388 32.55 24.29 8.77
N PHE C 389 33.36 23.94 7.78
CA PHE C 389 32.93 22.96 6.79
C PHE C 389 32.82 21.59 7.43
N GLY C 390 33.94 21.05 7.92
CA GLY C 390 33.96 19.68 8.39
C GLY C 390 32.91 19.41 9.44
N VAL C 391 32.88 20.22 10.50
CA VAL C 391 31.92 20.00 11.57
C VAL C 391 30.51 19.96 11.02
N GLY C 392 30.17 20.92 10.14
CA GLY C 392 28.84 20.93 9.56
C GLY C 392 28.51 19.60 8.92
N PHE C 393 29.41 19.12 8.05
CA PHE C 393 29.22 17.83 7.41
C PHE C 393 28.97 16.76 8.44
N ALA C 394 29.83 16.70 9.45
CA ALA C 394 29.70 15.67 10.47
C ALA C 394 28.34 15.77 11.16
N ILE C 395 27.92 16.97 11.52
CA ILE C 395 26.64 17.13 12.19
C ILE C 395 25.54 16.52 11.34
N GLY C 396 25.58 16.81 10.04
CA GLY C 396 24.56 16.24 9.15
C GLY C 396 24.47 14.75 9.30
N MET C 397 25.63 14.06 9.21
CA MET C 397 25.63 12.61 9.31
C MET C 397 24.89 12.18 10.56
N VAL C 398 25.25 12.75 11.70
CA VAL C 398 24.68 12.31 12.96
C VAL C 398 23.17 12.43 12.90
N ASP C 399 22.66 13.59 12.48
CA ASP C 399 21.22 13.76 12.40
C ASP C 399 20.63 12.76 11.44
N SER C 400 21.19 12.67 10.23
CA SER C 400 20.63 11.79 9.22
C SER C 400 20.75 10.33 9.61
N SER C 401 21.54 10.02 10.63
CA SER C 401 21.66 8.66 11.11
C SER C 401 20.82 8.38 12.33
N MET C 402 20.50 9.39 13.13
CA MET C 402 19.85 9.15 14.41
C MET C 402 18.43 9.69 14.50
N MET C 403 17.90 10.23 13.42
CA MET C 403 16.47 10.57 13.40
C MET C 403 15.64 9.32 13.14
N PRO C 404 15.97 8.48 12.15
CA PRO C 404 15.21 7.23 11.99
C PRO C 404 15.39 6.25 13.13
N ILE C 405 16.54 6.31 13.82
CA ILE C 405 16.83 5.29 14.82
C ILE C 405 15.91 5.42 16.03
N MET C 406 15.39 6.63 16.29
CA MET C 406 14.44 6.79 17.39
C MET C 406 13.15 6.03 17.11
N GLY C 407 12.59 6.22 15.92
CA GLY C 407 11.41 5.46 15.53
C GLY C 407 11.69 3.97 15.48
N TYR C 408 12.86 3.57 14.99
CA TYR C 408 13.19 2.16 14.94
C TYR C 408 13.27 1.55 16.33
N LEU C 409 13.88 2.26 17.28
CA LEU C 409 13.98 1.73 18.64
C LEU C 409 12.63 1.70 19.33
N VAL C 410 11.79 2.71 19.09
CA VAL C 410 10.47 2.68 19.72
C VAL C 410 9.61 1.57 19.11
N ASP C 411 9.83 1.23 17.84
CA ASP C 411 9.14 0.09 17.26
C ASP C 411 9.65 -1.22 17.84
N LEU C 412 10.97 -1.34 17.98
CA LEU C 412 11.59 -2.60 18.35
C LEU C 412 11.43 -2.93 19.83
N ARG C 413 11.39 -1.92 20.71
CA ARG C 413 11.34 -2.16 22.14
C ARG C 413 10.11 -1.62 22.84
N HIS C 414 9.30 -0.78 22.19
CA HIS C 414 8.20 -0.09 22.87
C HIS C 414 6.99 -0.09 21.94
N VAL C 415 5.98 0.72 22.28
CA VAL C 415 4.76 0.81 21.49
C VAL C 415 4.97 1.80 20.34
N SER C 416 4.43 1.44 19.17
CA SER C 416 4.67 2.21 17.94
C SER C 416 3.82 3.46 17.94
N VAL C 417 4.24 4.44 18.74
CA VAL C 417 3.66 5.78 18.73
C VAL C 417 4.83 6.75 18.81
N TYR C 418 5.04 7.53 17.75
CA TYR C 418 6.26 8.31 17.57
C TYR C 418 6.10 9.77 17.99
N GLY C 419 4.99 10.13 18.62
CA GLY C 419 4.81 11.52 19.01
C GLY C 419 5.82 11.97 20.05
N SER C 420 6.02 11.16 21.08
CA SER C 420 6.84 11.56 22.23
C SER C 420 8.27 11.08 22.14
N VAL C 421 8.62 10.30 21.11
CA VAL C 421 10.01 9.92 20.93
C VAL C 421 10.77 10.92 20.07
N TYR C 422 10.07 11.80 19.35
CA TYR C 422 10.71 12.87 18.60
C TYR C 422 10.67 14.20 19.34
N ALA C 423 9.85 14.32 20.37
CA ALA C 423 10.03 15.42 21.32
C ALA C 423 11.36 15.29 22.04
N ILE C 424 11.77 14.06 22.36
CA ILE C 424 13.09 13.83 22.94
C ILE C 424 14.19 14.25 21.98
N ALA C 425 14.05 13.88 20.71
CA ALA C 425 15.05 14.27 19.71
C ALA C 425 15.12 15.78 19.56
N ASP C 426 13.97 16.46 19.52
CA ASP C 426 13.98 17.91 19.37
C ASP C 426 14.54 18.61 20.60
N VAL C 427 14.22 18.12 21.80
CA VAL C 427 14.81 18.70 23.00
C VAL C 427 16.32 18.52 23.00
N ALA C 428 16.79 17.34 22.61
CA ALA C 428 18.22 17.11 22.53
C ALA C 428 18.87 18.04 21.51
N PHE C 429 18.22 18.22 20.36
CA PHE C 429 18.78 19.10 19.34
C PHE C 429 18.87 20.54 19.82
N CYS C 430 17.83 21.02 20.52
CA CYS C 430 17.75 22.42 20.89
C CYS C 430 18.43 22.75 22.22
N MET C 431 18.83 21.74 23.00
CA MET C 431 19.49 22.02 24.27
C MET C 431 20.82 22.75 24.06
N GLY C 432 21.54 22.40 23.00
CA GLY C 432 22.80 23.06 22.73
C GLY C 432 22.63 24.57 22.55
N TYR C 433 21.65 24.98 21.75
CA TYR C 433 21.42 26.40 21.54
C TYR C 433 20.73 27.06 22.72
N ALA C 434 19.99 26.29 23.52
CA ALA C 434 19.39 26.85 24.72
C ALA C 434 20.44 27.24 25.75
N ILE C 435 21.44 26.38 25.95
CA ILE C 435 22.40 26.59 27.05
C ILE C 435 23.78 27.00 26.54
N GLY C 436 23.95 27.23 25.24
CA GLY C 436 25.24 27.59 24.70
C GLY C 436 25.69 29.00 25.03
N PRO C 437 24.99 30.01 24.52
CA PRO C 437 25.44 31.39 24.71
C PRO C 437 25.59 31.83 26.17
N SER C 438 25.07 31.06 27.13
CA SER C 438 25.22 31.39 28.55
C SER C 438 26.30 30.55 29.22
N ALA C 439 26.16 29.23 29.19
CA ALA C 439 27.16 28.37 29.84
C ALA C 439 28.50 28.45 29.15
N GLY C 440 28.51 28.44 27.82
CA GLY C 440 29.76 28.59 27.10
C GLY C 440 30.42 29.91 27.38
N GLY C 441 29.63 30.98 27.49
CA GLY C 441 30.19 32.27 27.83
C GLY C 441 30.80 32.31 29.21
N ALA C 442 30.10 31.74 30.20
CA ALA C 442 30.64 31.70 31.55
C ALA C 442 31.92 30.89 31.62
N ILE C 443 31.95 29.73 30.94
CA ILE C 443 33.15 28.90 30.94
C ILE C 443 34.30 29.63 30.26
N ALA C 444 34.04 30.24 29.10
CA ALA C 444 35.08 30.95 28.37
C ALA C 444 35.61 32.12 29.18
N LYS C 445 34.77 32.74 30.01
CA LYS C 445 35.28 33.73 30.94
C LYS C 445 36.11 33.10 32.05
N ALA C 446 35.76 31.88 32.46
CA ALA C 446 36.46 31.23 33.57
C ALA C 446 37.85 30.77 33.16
N ILE C 447 37.98 30.13 32.00
CA ILE C 447 39.24 29.55 31.56
C ILE C 447 39.74 30.19 30.26
N GLY C 448 38.91 30.20 29.23
CA GLY C 448 39.29 30.77 27.95
C GLY C 448 38.64 30.01 26.82
N PHE C 449 38.57 30.68 25.66
CA PHE C 449 37.93 30.04 24.50
C PHE C 449 38.69 28.82 23.99
N PRO C 450 40.01 28.86 23.79
CA PRO C 450 40.68 27.64 23.32
C PRO C 450 40.49 26.47 24.26
N TRP C 451 40.53 26.71 25.56
CA TRP C 451 40.34 25.65 26.54
C TRP C 451 38.87 25.33 26.77
N LEU C 452 37.97 25.99 26.05
CA LEU C 452 36.59 25.54 25.97
C LEU C 452 36.35 24.67 24.75
N MET C 453 36.87 25.09 23.60
CA MET C 453 36.75 24.27 22.39
C MET C 453 37.48 22.95 22.56
N THR C 454 38.63 22.95 23.24
CA THR C 454 39.33 21.70 23.49
C THR C 454 38.47 20.75 24.31
N ILE C 455 37.80 21.27 25.34
CA ILE C 455 36.95 20.43 26.19
C ILE C 455 35.77 19.88 25.40
N ILE C 456 35.14 20.72 24.57
CA ILE C 456 34.01 20.25 23.78
C ILE C 456 34.44 19.15 22.81
N GLY C 457 35.59 19.35 22.15
CA GLY C 457 36.07 18.33 21.23
C GLY C 457 36.39 17.02 21.91
N ILE C 458 37.06 17.07 23.07
CA ILE C 458 37.37 15.84 23.78
C ILE C 458 36.10 15.16 24.25
N ILE C 459 35.09 15.94 24.66
CA ILE C 459 33.82 15.35 25.08
C ILE C 459 33.18 14.60 23.92
N ASP C 460 33.17 15.19 22.73
CA ASP C 460 32.58 14.53 21.57
C ASP C 460 33.34 13.25 21.22
N ILE C 461 34.68 13.32 21.19
CA ILE C 461 35.47 12.13 20.84
C ILE C 461 35.22 11.02 21.86
N LEU C 462 35.17 11.37 23.15
CA LEU C 462 34.94 10.37 24.19
C LEU C 462 33.54 9.78 24.11
N PHE C 463 32.54 10.57 23.73
CA PHE C 463 31.19 10.03 23.59
C PHE C 463 31.06 9.14 22.36
N ALA C 464 31.90 9.33 21.35
CA ALA C 464 31.76 8.57 20.11
C ALA C 464 31.65 7.05 20.30
N PRO C 465 32.51 6.39 21.08
CA PRO C 465 32.41 4.92 21.16
C PRO C 465 31.10 4.39 21.72
N LEU C 466 30.34 5.20 22.45
CA LEU C 466 29.07 4.74 23.02
C LEU C 466 28.02 4.44 21.96
N CYS C 467 28.21 4.89 20.73
CA CYS C 467 27.28 4.57 19.66
C CYS C 467 27.44 3.14 19.16
N PHE C 468 28.45 2.42 19.63
CA PHE C 468 28.58 1.01 19.32
C PHE C 468 27.46 0.18 19.93
N PHE C 469 26.79 0.69 20.97
CA PHE C 469 25.69 -0.01 21.61
C PHE C 469 24.39 0.10 20.83
N LEU C 470 24.45 0.57 19.59
CA LEU C 470 23.28 0.61 18.71
C LEU C 470 23.45 -0.32 17.51
N ARG C 471 24.38 -1.27 17.60
CA ARG C 471 24.59 -2.20 16.50
C ARG C 471 23.47 -3.24 16.43
N SER C 472 23.06 -3.78 17.58
CA SER C 472 21.97 -4.75 17.63
C SER C 472 21.33 -4.71 19.01
N PRO C 473 20.50 -3.70 19.27
CA PRO C 473 19.84 -3.63 20.58
C PRO C 473 18.84 -4.76 20.74
N PRO C 474 18.57 -5.18 21.97
CA PRO C 474 17.60 -6.26 22.19
C PRO C 474 16.18 -5.86 21.80
N ALA C 475 15.22 -6.75 22.01
CA ALA C 475 13.84 -6.49 21.68
C ALA C 475 12.97 -6.66 22.94
N LYS C 476 11.66 -6.60 22.74
CA LYS C 476 10.71 -6.72 23.84
C LYS C 476 10.81 -8.06 24.54
C10 XEQ D . 21.48 25.90 13.10
C11 XEQ D . 23.68 26.94 12.17
C12 XEQ D . 22.72 29.23 11.52
C13 XEQ D . 22.87 25.63 12.60
C14 XEQ D . 22.50 30.67 12.09
C15 XEQ D . 19.91 30.84 15.52
C16 XEQ D . 20.92 31.95 13.63
C17 XEQ D . 20.07 31.97 14.75
C05 XEQ D . 22.18 28.25 13.71
C06 XEQ D . 21.43 29.61 14.05
C07 XEQ D . 21.59 30.74 13.30
C08 XEQ D . 21.07 27.26 13.39
C09 XEQ D . 20.58 29.64 15.20
C18 XEQ D . 22.70 24.65 11.40
C19 XEQ D . 23.96 24.32 10.59
C20 XEQ D . 18.75 29.58 17.25
C21 XEQ D . 19.88 34.38 14.43
C22 XEQ D . 23.62 23.75 9.20
C23 XEQ D . 24.88 23.36 11.33
N04 XEQ D . 23.15 28.30 12.58
O01 XEQ D . 19.06 30.85 16.66
O02 XEQ D . 19.41 33.18 15.06
O03 XEQ D . 20.64 24.96 13.27
#